data_2GLO
#
_entry.id   2GLO
#
loop_
_entity.id
_entity.type
_entity.pdbx_description
1 polymer "5'-D(*TP*GP*AP*GP*GP*CP*GP*TP*CP*AP*AP*C)-3'"
2 polymer "5'-D(*GP*TP*TP*GP*AP*CP*GP*CP*CP*TP*CP*A)-3'"
3 polymer 'brinker CG9653-PA'
#
loop_
_entity_poly.entity_id
_entity_poly.type
_entity_poly.pdbx_seq_one_letter_code
_entity_poly.pdbx_strand_id
1 'polydeoxyribonucleotide' (DT)(DG)(DA)(DG)(DG)(DC)(DG)(DT)(DC)(DA)(DA)(DC) B
2 'polydeoxyribonucleotide' (DG)(DT)(DT)(DG)(DA)(DC)(DG)(DC)(DC)(DT)(DC)(DA) C
3 'polypeptide(L)' GSRRIFTPHFKLQVLESYRNDNDCKGNQRATARKYNIHRRQIQKWLQCESNLRSSVANN A
#
# COMPACT_ATOMS: atom_id res chain seq x y z
N GLY C 1 -1.23 -9.73 15.78
CA GLY C 1 -0.68 -9.19 16.98
C GLY C 1 -0.71 -7.68 16.97
N SER C 2 0.05 -7.08 16.05
CA SER C 2 0.12 -5.61 15.93
C SER C 2 -1.01 -4.97 15.06
N ARG C 3 -1.14 -3.63 15.21
CA ARG C 3 -2.05 -2.72 14.44
C ARG C 3 -1.38 -1.38 14.52
N ARG C 4 -0.49 -1.12 13.59
CA ARG C 4 0.21 0.13 13.61
C ARG C 4 -0.64 1.20 12.97
N ILE C 5 -0.16 2.40 13.02
CA ILE C 5 -0.89 3.51 12.50
C ILE C 5 -0.54 3.79 11.05
N PHE C 6 -1.35 3.19 10.19
CA PHE C 6 -1.19 3.34 8.77
C PHE C 6 -2.05 4.42 8.21
N THR C 7 -1.40 5.34 7.53
CA THR C 7 -2.07 6.44 6.85
C THR C 7 -2.44 6.06 5.43
N PRO C 8 -3.53 6.62 4.87
CA PRO C 8 -3.92 6.33 3.49
C PRO C 8 -2.85 6.73 2.51
N HIS C 9 -2.15 7.84 2.78
CA HIS C 9 -1.08 8.29 1.89
C HIS C 9 0.01 7.21 1.84
N PHE C 10 0.30 6.61 3.00
CA PHE C 10 1.29 5.53 3.08
C PHE C 10 0.77 4.34 2.32
N LYS C 11 -0.48 3.99 2.58
CA LYS C 11 -1.12 2.88 1.92
C LYS C 11 -1.02 3.05 0.41
N LEU C 12 -1.38 4.24 -0.03
CA LEU C 12 -1.32 4.62 -1.41
C LEU C 12 0.12 4.75 -1.85
N GLN C 13 1.02 4.96 -0.91
CA GLN C 13 2.42 5.07 -1.23
C GLN C 13 2.94 3.68 -1.54
N VAL C 14 2.40 2.73 -0.80
CA VAL C 14 2.71 1.34 -0.97
C VAL C 14 2.17 0.89 -2.28
N LEU C 15 0.90 1.16 -2.45
CA LEU C 15 0.18 0.80 -3.64
C LEU C 15 0.77 1.48 -4.88
N GLU C 16 1.09 2.78 -4.77
CA GLU C 16 1.70 3.53 -5.87
C GLU C 16 3.06 2.93 -6.25
N SER C 17 3.94 2.75 -5.24
CA SER C 17 5.22 2.05 -5.43
C SER C 17 5.02 0.67 -6.02
N TYR C 18 4.14 -0.05 -5.40
CA TYR C 18 3.75 -1.37 -5.82
C TYR C 18 3.40 -1.36 -7.31
N ARG C 19 2.72 -0.33 -7.73
CA ARG C 19 2.28 -0.22 -9.13
C ARG C 19 3.27 0.44 -10.11
N ASN C 20 4.36 1.04 -9.62
CA ASN C 20 5.26 1.77 -10.55
C ASN C 20 6.73 1.65 -10.24
N ASP C 21 7.04 1.30 -9.01
CA ASP C 21 8.43 1.15 -8.59
C ASP C 21 9.08 0.01 -9.34
N ASN C 22 10.11 0.30 -10.11
CA ASN C 22 10.81 -0.74 -10.85
C ASN C 22 11.25 -1.87 -9.92
N ASP C 23 11.30 -1.58 -8.61
CA ASP C 23 11.74 -2.56 -7.63
C ASP C 23 10.63 -3.49 -7.14
N CYS C 24 9.35 -3.07 -7.21
CA CYS C 24 8.27 -3.92 -6.72
C CYS C 24 7.10 -4.01 -7.69
N LYS C 25 6.97 -3.00 -8.55
CA LYS C 25 5.89 -2.95 -9.56
C LYS C 25 5.53 -4.33 -10.11
N GLY C 26 4.30 -4.73 -9.83
CA GLY C 26 3.80 -6.03 -10.27
C GLY C 26 3.92 -7.12 -9.22
N ASN C 27 4.57 -6.81 -8.10
CA ASN C 27 4.79 -7.76 -7.02
C ASN C 27 4.36 -7.21 -5.67
N GLN C 28 3.65 -8.02 -4.90
CA GLN C 28 3.24 -7.59 -3.58
C GLN C 28 4.27 -7.88 -2.47
N ARG C 29 4.96 -9.03 -2.54
CA ARG C 29 5.96 -9.39 -1.53
C ARG C 29 7.10 -8.36 -1.51
N ALA C 30 7.60 -7.99 -2.69
CA ALA C 30 8.69 -7.02 -2.83
C ALA C 30 8.35 -5.65 -2.26
N THR C 31 7.14 -5.14 -2.54
CA THR C 31 6.73 -3.84 -2.02
C THR C 31 6.65 -3.87 -0.50
N ALA C 32 6.08 -4.95 0.03
CA ALA C 32 5.96 -5.13 1.47
C ALA C 32 7.33 -5.20 2.10
N ARG C 33 8.27 -5.85 1.41
CA ARG C 33 9.63 -5.98 1.90
C ARG C 33 10.34 -4.62 1.89
N LYS C 34 10.21 -3.90 0.78
CA LYS C 34 10.81 -2.58 0.60
C LYS C 34 10.27 -1.57 1.61
N TYR C 35 8.98 -1.69 1.89
CA TYR C 35 8.29 -0.79 2.81
C TYR C 35 8.20 -1.38 4.21
N ASN C 36 8.69 -2.60 4.35
CA ASN C 36 8.70 -3.33 5.62
C ASN C 36 7.31 -3.42 6.25
N ILE C 37 6.43 -4.11 5.54
CA ILE C 37 5.05 -4.31 5.97
C ILE C 37 4.59 -5.69 5.53
N HIS C 38 3.34 -6.00 5.80
CA HIS C 38 2.79 -7.28 5.39
C HIS C 38 2.28 -7.22 3.96
N ARG C 39 2.27 -8.38 3.31
CA ARG C 39 1.80 -8.48 1.94
C ARG C 39 0.28 -8.70 1.87
N ARG C 40 -0.37 -9.01 3.02
CA ARG C 40 -1.85 -9.16 3.04
C ARG C 40 -2.48 -7.77 3.02
N GLN C 41 -1.82 -6.78 3.66
CA GLN C 41 -2.29 -5.39 3.72
C GLN C 41 -2.32 -4.74 2.32
N ILE C 42 -1.29 -4.95 1.48
CA ILE C 42 -1.24 -4.39 0.09
C ILE C 42 -2.42 -4.97 -0.68
N GLN C 43 -2.64 -6.24 -0.47
CA GLN C 43 -3.72 -6.96 -1.10
C GLN C 43 -5.08 -6.47 -0.59
N LYS C 44 -5.17 -6.27 0.72
CA LYS C 44 -6.38 -5.79 1.35
C LYS C 44 -6.67 -4.33 0.96
N TRP C 45 -5.65 -3.47 1.01
CA TRP C 45 -5.84 -2.06 0.65
C TRP C 45 -6.32 -1.99 -0.75
N LEU C 46 -5.86 -2.92 -1.57
CA LEU C 46 -6.28 -3.01 -2.95
C LEU C 46 -7.77 -3.26 -3.02
N GLN C 47 -8.25 -4.05 -2.07
CA GLN C 47 -9.68 -4.38 -1.94
C GLN C 47 -10.43 -3.10 -1.61
N CYS C 48 -9.69 -2.02 -1.37
CA CYS C 48 -10.31 -0.72 -1.06
C CYS C 48 -9.44 0.48 -1.48
N GLU C 49 -8.47 0.28 -2.39
CA GLU C 49 -7.59 1.37 -2.84
C GLU C 49 -8.38 2.53 -3.38
N SER C 50 -9.44 2.22 -4.09
CA SER C 50 -10.36 3.24 -4.62
C SER C 50 -10.90 4.08 -3.46
N ASN C 51 -11.14 3.41 -2.33
CA ASN C 51 -11.64 4.08 -1.13
C ASN C 51 -10.52 4.89 -0.50
N LEU C 52 -9.27 4.41 -0.66
CA LEU C 52 -8.10 5.10 -0.11
C LEU C 52 -7.97 6.47 -0.78
N ARG C 53 -8.23 6.49 -2.09
CA ARG C 53 -8.17 7.70 -2.89
C ARG C 53 -9.11 8.78 -2.38
N SER C 54 -10.36 8.40 -2.14
CA SER C 54 -11.33 9.36 -1.63
C SER C 54 -11.04 9.71 -0.16
N SER C 55 -10.34 8.80 0.54
CA SER C 55 -9.99 9.00 1.94
C SER C 55 -8.91 10.07 2.10
N VAL C 56 -7.96 10.10 1.17
CA VAL C 56 -6.88 11.07 1.21
C VAL C 56 -7.30 12.39 0.58
N ALA C 57 -8.49 12.37 -0.06
CA ALA C 57 -9.07 13.55 -0.73
C ALA C 57 -8.14 14.13 -1.80
N ASN C 58 -7.45 13.25 -2.52
CA ASN C 58 -6.52 13.67 -3.59
C ASN C 58 -6.41 12.58 -4.65
N ASN C 59 -6.72 12.95 -5.89
CA ASN C 59 -6.67 12.02 -7.03
C ASN C 59 -7.65 10.86 -6.82
N GLY C 1 -0.73 -9.30 17.50
CA GLY C 1 0.36 -8.60 18.12
C GLY C 1 0.30 -7.13 17.71
N SER C 2 0.90 -6.81 16.57
CA SER C 2 0.93 -5.42 16.07
C SER C 2 -0.32 -4.95 15.27
N ARG C 3 -0.59 -3.63 15.33
CA ARG C 3 -1.64 -2.90 14.57
C ARG C 3 -1.16 -1.46 14.62
N ARG C 4 -0.32 -1.08 13.67
CA ARG C 4 0.20 0.26 13.69
C ARG C 4 -0.73 1.21 12.98
N ILE C 5 -0.31 2.46 12.93
CA ILE C 5 -1.12 3.50 12.36
C ILE C 5 -0.81 3.72 10.87
N PHE C 6 -1.61 3.08 10.04
CA PHE C 6 -1.49 3.19 8.61
C PHE C 6 -2.39 4.25 8.04
N THR C 7 -1.78 5.18 7.37
CA THR C 7 -2.51 6.25 6.70
C THR C 7 -2.85 5.87 5.27
N PRO C 8 -3.91 6.44 4.67
CA PRO C 8 -4.25 6.14 3.29
C PRO C 8 -3.16 6.57 2.34
N HIS C 9 -2.49 7.69 2.61
CA HIS C 9 -1.40 8.14 1.76
C HIS C 9 -0.29 7.09 1.75
N PHE C 10 -0.04 6.48 2.93
CA PHE C 10 0.95 5.42 3.05
C PHE C 10 0.48 4.23 2.25
N LYS C 11 -0.79 3.88 2.45
CA LYS C 11 -1.38 2.77 1.73
C LYS C 11 -1.19 2.95 0.25
N LEU C 12 -1.55 4.14 -0.21
CA LEU C 12 -1.40 4.53 -1.60
C LEU C 12 0.06 4.67 -1.95
N GLN C 13 0.90 4.88 -0.95
CA GLN C 13 2.31 5.00 -1.19
C GLN C 13 2.87 3.62 -1.48
N VAL C 14 2.30 2.66 -0.77
CA VAL C 14 2.64 1.25 -0.93
C VAL C 14 2.18 0.82 -2.28
N LEU C 15 0.91 1.08 -2.52
CA LEU C 15 0.25 0.74 -3.75
C LEU C 15 0.91 1.42 -4.95
N GLU C 16 1.20 2.71 -4.81
CA GLU C 16 1.84 3.49 -5.89
C GLU C 16 3.22 2.91 -6.20
N SER C 17 4.05 2.71 -5.15
CA SER C 17 5.36 2.04 -5.31
C SER C 17 5.20 0.67 -5.92
N TYR C 18 4.29 -0.06 -5.34
CA TYR C 18 3.92 -1.39 -5.80
C TYR C 18 3.64 -1.36 -7.29
N ARG C 19 2.99 -0.32 -7.75
CA ARG C 19 2.63 -0.20 -9.15
C ARG C 19 3.65 0.47 -10.07
N ASN C 20 4.71 1.07 -9.53
CA ASN C 20 5.64 1.82 -10.40
C ASN C 20 7.10 1.70 -10.02
N ASP C 21 7.36 1.36 -8.77
CA ASP C 21 8.73 1.24 -8.30
C ASP C 21 9.43 0.12 -9.03
N ASN C 22 10.51 0.43 -9.72
CA ASN C 22 11.26 -0.60 -10.44
C ASN C 22 11.68 -1.73 -9.49
N ASP C 23 11.62 -1.47 -8.17
CA ASP C 23 12.03 -2.47 -7.18
C ASP C 23 10.90 -3.42 -6.75
N CYS C 24 9.63 -3.02 -6.87
CA CYS C 24 8.53 -3.90 -6.45
C CYS C 24 7.42 -3.98 -7.48
N LYS C 25 7.30 -2.96 -8.33
CA LYS C 25 6.30 -2.89 -9.38
C LYS C 25 5.94 -4.28 -9.96
N GLY C 26 4.70 -4.68 -9.77
CA GLY C 26 4.22 -5.96 -10.25
C GLY C 26 4.29 -7.07 -9.21
N ASN C 27 4.88 -6.77 -8.05
CA ASN C 27 5.05 -7.73 -6.97
C ASN C 27 4.58 -7.20 -5.63
N GLN C 28 3.88 -8.04 -4.86
CA GLN C 28 3.41 -7.63 -3.55
C GLN C 28 4.43 -7.91 -2.42
N ARG C 29 5.13 -9.05 -2.47
CA ARG C 29 6.09 -9.40 -1.43
C ARG C 29 7.21 -8.35 -1.35
N ALA C 30 7.75 -7.97 -2.52
CA ALA C 30 8.83 -6.99 -2.60
C ALA C 30 8.44 -5.62 -2.04
N THR C 31 7.22 -5.15 -2.34
CA THR C 31 6.77 -3.85 -1.83
C THR C 31 6.65 -3.88 -0.32
N ALA C 32 6.09 -4.97 0.20
CA ALA C 32 5.93 -5.14 1.63
C ALA C 32 7.28 -5.22 2.31
N ARG C 33 8.25 -5.82 1.62
CA ARG C 33 9.61 -5.94 2.15
C ARG C 33 10.29 -4.57 2.22
N LYS C 34 10.20 -3.82 1.11
CA LYS C 34 10.79 -2.48 1.00
C LYS C 34 10.16 -1.50 2.01
N TYR C 35 8.85 -1.63 2.18
CA TYR C 35 8.09 -0.76 3.07
C TYR C 35 7.95 -1.37 4.45
N ASN C 36 8.46 -2.58 4.61
CA ASN C 36 8.42 -3.31 5.87
C ASN C 36 7.01 -3.38 6.45
N ILE C 37 6.14 -4.04 5.70
CA ILE C 37 4.75 -4.22 6.09
C ILE C 37 4.30 -5.60 5.66
N HIS C 38 3.06 -5.94 5.92
CA HIS C 38 2.55 -7.25 5.52
C HIS C 38 2.04 -7.19 4.09
N ARG C 39 2.05 -8.35 3.43
CA ARG C 39 1.61 -8.43 2.05
C ARG C 39 0.11 -8.72 1.93
N ARG C 40 -0.58 -9.05 3.04
CA ARG C 40 -2.05 -9.23 3.00
C ARG C 40 -2.67 -7.85 2.91
N GLN C 41 -2.01 -6.84 3.52
CA GLN C 41 -2.48 -5.46 3.52
C GLN C 41 -2.43 -4.81 2.12
N ILE C 42 -1.35 -5.03 1.34
CA ILE C 42 -1.26 -4.50 -0.04
C ILE C 42 -2.35 -5.11 -0.87
N GLN C 43 -2.56 -6.39 -0.64
CA GLN C 43 -3.59 -7.15 -1.33
C GLN C 43 -4.99 -6.68 -0.90
N LYS C 44 -5.15 -6.46 0.40
CA LYS C 44 -6.41 -5.98 0.95
C LYS C 44 -6.71 -4.54 0.53
N TRP C 45 -5.70 -3.67 0.60
CA TRP C 45 -5.88 -2.28 0.22
C TRP C 45 -6.28 -2.24 -1.21
N LEU C 46 -5.82 -3.21 -1.97
CA LEU C 46 -6.18 -3.33 -3.37
C LEU C 46 -7.66 -3.58 -3.51
N GLN C 47 -8.19 -4.37 -2.56
CA GLN C 47 -9.59 -4.70 -2.51
C GLN C 47 -10.39 -3.43 -2.19
N CYS C 48 -9.67 -2.34 -1.95
CA CYS C 48 -10.33 -1.06 -1.65
C CYS C 48 -9.48 0.16 -2.05
N GLU C 49 -8.48 -0.04 -2.92
CA GLU C 49 -7.59 1.06 -3.36
C GLU C 49 -8.39 2.20 -3.94
N SER C 50 -9.41 1.86 -4.68
CA SER C 50 -10.31 2.87 -5.24
C SER C 50 -10.91 3.70 -4.13
N ASN C 51 -11.21 3.04 -3.02
CA ASN C 51 -11.74 3.69 -1.82
C ASN C 51 -10.66 4.52 -1.14
N LEU C 52 -9.41 4.09 -1.27
CA LEU C 52 -8.27 4.80 -0.67
C LEU C 52 -8.14 6.16 -1.33
N ARG C 53 -8.35 6.17 -2.65
CA ARG C 53 -8.29 7.38 -3.45
C ARG C 53 -9.28 8.42 -2.99
N SER C 54 -10.54 8.02 -2.79
CA SER C 54 -11.56 8.95 -2.33
C SER C 54 -11.35 9.30 -0.85
N SER C 55 -10.66 8.41 -0.12
CA SER C 55 -10.38 8.60 1.30
C SER C 55 -9.35 9.71 1.52
N VAL C 56 -8.32 9.74 0.67
CA VAL C 56 -7.27 10.74 0.78
C VAL C 56 -7.70 12.05 0.12
N ALA C 57 -8.77 11.97 -0.68
CA ALA C 57 -9.34 13.12 -1.40
C ALA C 57 -8.26 13.94 -2.11
N ASN C 58 -7.50 13.29 -2.99
CA ASN C 58 -6.43 13.96 -3.74
C ASN C 58 -6.97 14.51 -5.06
N ASN C 59 -7.28 15.81 -5.06
CA ASN C 59 -7.81 16.48 -6.26
C ASN C 59 -9.14 15.86 -6.69
N GLY C 1 2.43 -1.77 21.81
CA GLY C 1 1.36 -1.99 20.87
C GLY C 1 1.58 -3.28 20.13
N SER C 2 0.59 -3.71 19.34
CA SER C 2 0.69 -4.98 18.59
C SER C 2 -0.19 -5.05 17.30
N ARG C 3 -0.72 -3.89 16.88
CA ARG C 3 -1.48 -3.66 15.59
C ARG C 3 -1.24 -2.20 15.33
N ARG C 4 -0.28 -1.89 14.49
CA ARG C 4 0.00 -0.52 14.21
C ARG C 4 -1.03 0.04 13.27
N ILE C 5 -1.18 1.33 13.32
CA ILE C 5 -2.19 1.98 12.52
C ILE C 5 -1.62 2.51 11.21
N PHE C 6 -2.26 2.05 10.15
CA PHE C 6 -1.90 2.41 8.82
C PHE C 6 -2.73 3.58 8.32
N THR C 7 -2.03 4.53 7.76
CA THR C 7 -2.65 5.71 7.17
C THR C 7 -2.88 5.49 5.68
N PRO C 8 -3.85 6.20 5.06
CA PRO C 8 -4.08 6.09 3.62
C PRO C 8 -2.86 6.48 2.81
N HIS C 9 -2.13 7.50 3.27
CA HIS C 9 -0.92 7.94 2.58
C HIS C 9 0.09 6.80 2.56
N PHE C 10 0.18 6.05 3.67
CA PHE C 10 1.08 4.90 3.75
C PHE C 10 0.58 3.83 2.80
N LYS C 11 -0.72 3.58 2.86
CA LYS C 11 -1.33 2.59 1.99
C LYS C 11 -1.01 2.91 0.55
N LEU C 12 -1.21 4.16 0.20
CA LEU C 12 -0.93 4.68 -1.12
C LEU C 12 0.56 4.74 -1.35
N GLN C 13 1.33 4.77 -0.27
CA GLN C 13 2.77 4.80 -0.38
C GLN C 13 3.24 3.42 -0.78
N VAL C 14 2.53 2.43 -0.23
CA VAL C 14 2.77 1.04 -0.52
C VAL C 14 2.39 0.78 -1.94
N LEU C 15 1.17 1.16 -2.24
CA LEU C 15 0.59 1.01 -3.55
C LEU C 15 1.41 1.75 -4.61
N GLU C 16 1.80 2.98 -4.31
CA GLU C 16 2.60 3.80 -5.23
C GLU C 16 3.96 3.13 -5.50
N SER C 17 4.67 2.78 -4.41
CA SER C 17 5.92 2.01 -4.52
C SER C 17 5.72 0.72 -5.28
N TYR C 18 4.70 0.02 -4.87
CA TYR C 18 4.28 -1.21 -5.49
C TYR C 18 4.13 -1.02 -7.00
N ARG C 19 3.61 0.11 -7.39
CA ARG C 19 3.36 0.41 -8.80
C ARG C 19 4.52 1.10 -9.56
N ASN C 20 5.59 1.53 -8.87
CA ASN C 20 6.64 2.27 -9.58
C ASN C 20 8.05 1.98 -9.09
N ASP C 21 8.17 1.50 -7.87
CA ASP C 21 9.48 1.19 -7.30
C ASP C 21 10.15 0.09 -8.10
N ASN C 22 11.31 0.37 -8.66
CA ASN C 22 12.02 -0.64 -9.43
C ASN C 22 12.26 -1.89 -8.58
N ASP C 23 12.12 -1.75 -7.25
CA ASP C 23 12.36 -2.87 -6.34
C ASP C 23 11.12 -3.75 -6.11
N CYS C 24 9.90 -3.21 -6.29
CA CYS C 24 8.69 -4.03 -6.05
C CYS C 24 7.68 -3.91 -7.18
N LYS C 25 7.73 -2.82 -7.92
CA LYS C 25 6.82 -2.58 -9.05
C LYS C 25 6.43 -3.86 -9.79
N GLY C 26 5.15 -4.19 -9.72
CA GLY C 26 4.63 -5.38 -10.37
C GLY C 26 4.53 -6.58 -9.45
N ASN C 27 5.05 -6.44 -8.22
CA ASN C 27 5.05 -7.52 -7.23
C ASN C 27 4.50 -7.08 -5.89
N GLN C 28 3.69 -7.92 -5.26
CA GLN C 28 3.16 -7.58 -3.94
C GLN C 28 4.04 -8.06 -2.79
N ARG C 29 4.66 -9.24 -2.91
CA ARG C 29 5.51 -9.75 -1.81
C ARG C 29 6.69 -8.81 -1.54
N ALA C 30 7.36 -8.36 -2.61
CA ALA C 30 8.51 -7.45 -2.49
C ALA C 30 8.14 -6.13 -1.83
N THR C 31 6.99 -5.54 -2.19
CA THR C 31 6.57 -4.28 -1.60
C THR C 31 6.31 -4.44 -0.11
N ALA C 32 5.64 -5.53 0.24
CA ALA C 32 5.33 -5.85 1.62
C ALA C 32 6.59 -6.07 2.40
N ARG C 33 7.58 -6.69 1.75
CA ARG C 33 8.88 -6.96 2.38
C ARG C 33 9.65 -5.66 2.62
N LYS C 34 9.69 -4.82 1.58
CA LYS C 34 10.38 -3.52 1.61
C LYS C 34 9.76 -2.60 2.66
N TYR C 35 8.44 -2.67 2.78
CA TYR C 35 7.70 -1.82 3.72
C TYR C 35 7.40 -2.56 5.00
N ASN C 36 7.81 -3.82 5.06
CA ASN C 36 7.60 -4.68 6.24
C ASN C 36 6.14 -4.73 6.66
N ILE C 37 5.32 -5.26 5.75
CA ILE C 37 3.89 -5.40 5.98
C ILE C 37 3.41 -6.68 5.30
N HIS C 38 2.12 -6.93 5.37
CA HIS C 38 1.57 -8.12 4.76
C HIS C 38 1.18 -7.84 3.30
N ARG C 39 1.10 -8.91 2.52
CA ARG C 39 0.74 -8.80 1.13
C ARG C 39 -0.78 -8.91 0.90
N ARG C 40 -1.56 -9.18 1.99
CA ARG C 40 -3.03 -9.21 1.88
C ARG C 40 -3.56 -7.77 1.89
N GLN C 41 -2.93 -6.90 2.70
CA GLN C 41 -3.31 -5.50 2.82
C GLN C 41 -3.10 -4.73 1.49
N ILE C 42 -1.98 -4.96 0.77
CA ILE C 42 -1.73 -4.30 -0.54
C ILE C 42 -2.81 -4.73 -1.51
N GLN C 43 -3.12 -6.00 -1.45
CA GLN C 43 -4.15 -6.58 -2.28
C GLN C 43 -5.53 -6.04 -1.93
N LYS C 44 -5.80 -5.93 -0.63
CA LYS C 44 -7.06 -5.39 -0.14
C LYS C 44 -7.19 -3.90 -0.44
N TRP C 45 -6.12 -3.13 -0.16
CA TRP C 45 -6.15 -1.70 -0.41
C TRP C 45 -6.41 -1.47 -1.85
N LEU C 46 -5.91 -2.37 -2.68
CA LEU C 46 -6.12 -2.31 -4.11
C LEU C 46 -7.60 -2.40 -4.43
N GLN C 47 -8.28 -3.22 -3.63
CA GLN C 47 -9.72 -3.42 -3.75
C GLN C 47 -10.43 -2.12 -3.38
N CYS C 48 -9.65 -1.15 -2.93
CA CYS C 48 -10.21 0.16 -2.57
C CYS C 48 -9.21 1.32 -2.74
N GLU C 49 -8.14 1.12 -3.52
CA GLU C 49 -7.12 2.16 -3.74
C GLU C 49 -7.74 3.43 -4.26
N SER C 50 -8.69 3.27 -5.15
CA SER C 50 -9.44 4.41 -5.71
C SER C 50 -10.10 5.18 -4.56
N ASN C 51 -10.58 4.44 -3.57
CA ASN C 51 -11.20 5.01 -2.39
C ASN C 51 -10.14 5.66 -1.49
N LEU C 52 -8.92 5.10 -1.51
CA LEU C 52 -7.80 5.61 -0.73
C LEU C 52 -7.47 7.03 -1.20
N ARG C 53 -7.52 7.19 -2.52
CA ARG C 53 -7.24 8.47 -3.16
C ARG C 53 -8.17 9.56 -2.69
N SER C 54 -9.47 9.28 -2.70
CA SER C 54 -10.44 10.26 -2.24
C SER C 54 -10.39 10.41 -0.71
N SER C 55 -9.90 9.37 -0.02
CA SER C 55 -9.79 9.37 1.43
C SER C 55 -8.65 10.28 1.91
N VAL C 56 -7.56 10.30 1.15
CA VAL C 56 -6.40 11.12 1.49
C VAL C 56 -6.60 12.56 1.03
N ALA C 57 -7.66 12.77 0.23
CA ALA C 57 -8.01 14.09 -0.32
C ALA C 57 -6.84 14.74 -1.08
N ASN C 58 -6.13 13.93 -1.86
CA ASN C 58 -4.98 14.42 -2.64
C ASN C 58 -4.80 13.57 -3.89
N ASN C 59 -5.10 14.17 -5.05
CA ASN C 59 -4.97 13.48 -6.34
C ASN C 59 -5.89 12.27 -6.40
N GLY C 1 0.16 -8.81 18.91
CA GLY C 1 0.21 -8.48 17.50
C GLY C 1 -0.62 -7.23 17.28
N SER C 2 0.03 -6.07 17.19
CA SER C 2 -0.68 -4.79 17.04
C SER C 2 -1.04 -4.37 15.58
N ARG C 3 -2.04 -3.44 15.48
CA ARG C 3 -2.45 -2.78 14.23
C ARG C 3 -1.77 -1.46 14.27
N ARG C 4 -0.70 -1.28 13.55
CA ARG C 4 -0.01 -0.01 13.61
C ARG C 4 -0.81 1.06 12.89
N ILE C 5 -0.32 2.28 12.97
CA ILE C 5 -1.02 3.41 12.37
C ILE C 5 -0.62 3.64 10.92
N PHE C 6 -1.48 3.14 10.02
CA PHE C 6 -1.30 3.29 8.59
C PHE C 6 -2.14 4.38 8.02
N THR C 7 -1.51 5.30 7.35
CA THR C 7 -2.20 6.37 6.67
C THR C 7 -2.60 5.93 5.27
N PRO C 8 -3.66 6.49 4.69
CA PRO C 8 -4.04 6.17 3.32
C PRO C 8 -2.97 6.57 2.33
N HIS C 9 -2.33 7.71 2.56
CA HIS C 9 -1.27 8.17 1.66
C HIS C 9 -0.15 7.12 1.62
N PHE C 10 0.14 6.52 2.79
CA PHE C 10 1.15 5.47 2.87
C PHE C 10 0.66 4.26 2.11
N LYS C 11 -0.59 3.91 2.39
CA LYS C 11 -1.21 2.78 1.71
C LYS C 11 -1.11 2.96 0.22
N LEU C 12 -1.48 4.14 -0.23
CA LEU C 12 -1.41 4.51 -1.63
C LEU C 12 0.03 4.66 -2.05
N GLN C 13 0.91 4.88 -1.09
CA GLN C 13 2.32 4.99 -1.40
C GLN C 13 2.86 3.61 -1.69
N VAL C 14 2.35 2.65 -0.93
CA VAL C 14 2.69 1.25 -1.12
C VAL C 14 2.14 0.80 -2.43
N LEU C 15 0.87 1.05 -2.60
CA LEU C 15 0.15 0.69 -3.79
C LEU C 15 0.75 1.37 -5.02
N GLU C 16 1.04 2.67 -4.91
CA GLU C 16 1.63 3.42 -6.02
C GLU C 16 3.01 2.84 -6.39
N SER C 17 3.88 2.66 -5.38
CA SER C 17 5.19 2.00 -5.57
C SER C 17 5.03 0.63 -6.17
N TYR C 18 4.17 -0.12 -5.55
CA TYR C 18 3.80 -1.44 -5.99
C TYR C 18 3.43 -1.43 -7.46
N ARG C 19 2.77 -0.40 -7.90
CA ARG C 19 2.33 -0.31 -9.28
C ARG C 19 3.31 0.34 -10.26
N ASN C 20 4.38 0.99 -9.77
CA ASN C 20 5.28 1.71 -10.69
C ASN C 20 6.76 1.59 -10.38
N ASP C 21 7.07 1.29 -9.14
CA ASP C 21 8.46 1.17 -8.71
C ASP C 21 9.13 0.04 -9.47
N ASN C 22 10.17 0.36 -10.22
CA ASN C 22 10.88 -0.68 -10.96
C ASN C 22 11.34 -1.79 -10.01
N ASP C 23 11.38 -1.50 -8.70
CA ASP C 23 11.81 -2.49 -7.71
C ASP C 23 10.70 -3.44 -7.24
N CYS C 24 9.42 -3.04 -7.32
CA CYS C 24 8.34 -3.93 -6.84
C CYS C 24 7.19 -4.04 -7.82
N LYS C 25 7.01 -3.00 -8.65
CA LYS C 25 5.95 -2.97 -9.66
C LYS C 25 5.58 -4.37 -10.21
N GLY C 26 4.34 -4.76 -9.95
CA GLY C 26 3.83 -6.06 -10.41
C GLY C 26 3.99 -7.16 -9.36
N ASN C 27 4.66 -6.84 -8.26
CA ASN C 27 4.92 -7.78 -7.17
C ASN C 27 4.47 -7.25 -5.82
N GLN C 28 3.79 -8.08 -5.05
CA GLN C 28 3.35 -7.68 -3.72
C GLN C 28 4.39 -7.96 -2.62
N ARG C 29 5.09 -9.10 -2.69
CA ARG C 29 6.09 -9.45 -1.66
C ARG C 29 7.21 -8.41 -1.62
N ALA C 30 7.70 -8.03 -2.80
CA ALA C 30 8.79 -7.06 -2.93
C ALA C 30 8.43 -5.69 -2.35
N THR C 31 7.20 -5.22 -2.61
CA THR C 31 6.77 -3.93 -2.08
C THR C 31 6.69 -3.97 -0.56
N ALA C 32 6.14 -5.06 -0.04
CA ALA C 32 6.03 -5.24 1.39
C ALA C 32 7.40 -5.32 2.03
N ARG C 33 8.36 -5.90 1.31
CA ARG C 33 9.73 -6.02 1.79
C ARG C 33 10.42 -4.66 1.82
N LYS C 34 10.28 -3.91 0.73
CA LYS C 34 10.87 -2.58 0.59
C LYS C 34 10.29 -1.60 1.61
N TYR C 35 8.98 -1.71 1.81
CA TYR C 35 8.27 -0.84 2.73
C TYR C 35 8.17 -1.45 4.12
N ASN C 36 8.68 -2.67 4.25
CA ASN C 36 8.68 -3.40 5.52
C ASN C 36 7.28 -3.46 6.13
N ILE C 37 6.38 -4.12 5.42
CA ILE C 37 5.01 -4.28 5.86
C ILE C 37 4.52 -5.66 5.46
N HIS C 38 3.26 -5.96 5.74
CA HIS C 38 2.72 -7.24 5.36
C HIS C 38 2.21 -7.21 3.93
N ARG C 39 2.26 -8.37 3.30
CA ARG C 39 1.82 -8.51 1.94
C ARG C 39 0.31 -8.73 1.87
N ARG C 40 -0.33 -9.13 3.00
CA ARG C 40 -1.80 -9.26 3.00
C ARG C 40 -2.42 -7.87 2.95
N GLN C 41 -1.75 -6.89 3.58
CA GLN C 41 -2.23 -5.50 3.62
C GLN C 41 -2.27 -4.85 2.21
N ILE C 42 -1.25 -5.08 1.36
CA ILE C 42 -1.23 -4.52 -0.01
C ILE C 42 -2.40 -5.10 -0.78
N GLN C 43 -2.59 -6.38 -0.56
CA GLN C 43 -3.67 -7.12 -1.17
C GLN C 43 -5.02 -6.63 -0.67
N LYS C 44 -5.11 -6.40 0.62
CA LYS C 44 -6.34 -5.89 1.22
C LYS C 44 -6.64 -4.45 0.80
N TRP C 45 -5.63 -3.59 0.82
CA TRP C 45 -5.82 -2.21 0.42
C TRP C 45 -6.27 -2.16 -0.99
N LEU C 46 -5.85 -3.15 -1.76
CA LEU C 46 -6.26 -3.27 -3.14
C LEU C 46 -7.75 -3.53 -3.23
N GLN C 47 -8.23 -4.31 -2.27
CA GLN C 47 -9.64 -4.63 -2.13
C GLN C 47 -10.41 -3.36 -1.80
N CYS C 48 -9.67 -2.27 -1.58
CA CYS C 48 -10.32 -0.98 -1.26
C CYS C 48 -9.48 0.24 -1.67
N GLU C 49 -8.50 0.07 -2.57
CA GLU C 49 -7.65 1.18 -3.03
C GLU C 49 -8.47 2.32 -3.58
N SER C 50 -9.50 1.97 -4.30
CA SER C 50 -10.42 2.97 -4.85
C SER C 50 -10.96 3.81 -3.69
N ASN C 51 -11.23 3.13 -2.57
CA ASN C 51 -11.72 3.78 -1.37
C ASN C 51 -10.62 4.59 -0.70
N LEU C 52 -9.37 4.14 -0.88
CA LEU C 52 -8.22 4.83 -0.33
C LEU C 52 -8.09 6.21 -0.97
N ARG C 53 -8.35 6.22 -2.28
CA ARG C 53 -8.30 7.44 -3.07
C ARG C 53 -9.27 8.50 -2.57
N SER C 54 -10.52 8.11 -2.34
CA SER C 54 -11.51 9.06 -1.83
C SER C 54 -11.25 9.39 -0.35
N SER C 55 -10.56 8.48 0.34
CA SER C 55 -10.22 8.66 1.74
C SER C 55 -9.16 9.73 1.95
N VAL C 56 -8.23 9.83 1.00
CA VAL C 56 -7.16 10.82 1.09
C VAL C 56 -7.64 12.17 0.57
N ALA C 57 -8.74 12.14 -0.19
CA ALA C 57 -9.35 13.34 -0.78
C ALA C 57 -8.52 13.88 -1.95
N ASN C 58 -7.37 14.45 -1.63
CA ASN C 58 -6.48 15.01 -2.65
C ASN C 58 -5.03 14.90 -2.21
N ASN C 59 -4.17 14.46 -3.13
CA ASN C 59 -2.74 14.31 -2.85
C ASN C 59 -2.50 13.29 -1.74
N GLY C 1 0.20 -1.56 19.54
CA GLY C 1 0.64 -2.84 20.05
C GLY C 1 0.85 -3.83 18.93
N SER C 2 0.01 -4.87 18.90
CA SER C 2 0.10 -5.93 17.86
C SER C 2 -0.53 -5.52 16.50
N ARG C 3 -1.37 -4.45 16.51
CA ARG C 3 -1.99 -3.82 15.29
C ARG C 3 -1.24 -2.54 15.15
N ARG C 4 -0.39 -2.45 14.16
CA ARG C 4 0.36 -1.24 13.98
C ARG C 4 -0.54 -0.17 13.39
N ILE C 5 -0.06 1.05 13.43
CA ILE C 5 -0.85 2.18 12.95
C ILE C 5 -0.52 2.53 11.51
N PHE C 6 -1.40 2.13 10.63
CA PHE C 6 -1.28 2.40 9.20
C PHE C 6 -2.16 3.55 8.75
N THR C 7 -1.52 4.51 8.13
CA THR C 7 -2.23 5.64 7.57
C THR C 7 -2.60 5.36 6.12
N PRO C 8 -3.66 5.98 5.59
CA PRO C 8 -4.03 5.79 4.19
C PRO C 8 -2.93 6.25 3.25
N HIS C 9 -2.25 7.35 3.60
CA HIS C 9 -1.17 7.85 2.76
C HIS C 9 -0.07 6.78 2.66
N PHE C 10 0.18 6.08 3.78
CA PHE C 10 1.16 4.99 3.78
C PHE C 10 0.67 3.87 2.90
N LYS C 11 -0.58 3.50 3.10
CA LYS C 11 -1.19 2.45 2.31
C LYS C 11 -1.03 2.77 0.84
N LEU C 12 -1.38 3.99 0.50
CA LEU C 12 -1.25 4.50 -0.85
C LEU C 12 0.19 4.66 -1.22
N GLN C 13 1.05 4.77 -0.22
CA GLN C 13 2.46 4.90 -0.48
C GLN C 13 2.99 3.54 -0.89
N VAL C 14 2.44 2.52 -0.25
CA VAL C 14 2.76 1.15 -0.55
C VAL C 14 2.27 0.83 -1.92
N LEU C 15 0.98 1.09 -2.10
CA LEU C 15 0.31 0.87 -3.34
C LEU C 15 0.96 1.66 -4.48
N GLU C 16 1.28 2.92 -4.23
CA GLU C 16 1.92 3.77 -5.25
C GLU C 16 3.30 3.20 -5.61
N SER C 17 4.13 2.94 -4.59
CA SER C 17 5.42 2.26 -4.79
C SER C 17 5.27 0.96 -5.52
N TYR C 18 4.37 0.17 -5.00
CA TYR C 18 4.01 -1.10 -5.57
C TYR C 18 3.69 -0.96 -7.06
N ARG C 19 3.08 0.11 -7.41
CA ARG C 19 2.67 0.34 -8.79
C ARG C 19 3.70 1.07 -9.68
N ASN C 20 4.76 1.64 -9.10
CA ASN C 20 5.69 2.44 -9.92
C ASN C 20 7.15 2.26 -9.56
N ASP C 21 7.41 1.83 -8.35
CA ASP C 21 8.79 1.62 -7.89
C ASP C 21 9.46 0.56 -8.73
N ASN C 22 10.53 0.92 -9.41
CA ASN C 22 11.24 -0.04 -10.22
C ASN C 22 11.67 -1.25 -9.38
N ASP C 23 11.64 -1.09 -8.04
CA ASP C 23 12.06 -2.16 -7.15
C ASP C 23 10.92 -3.12 -6.79
N CYS C 24 9.65 -2.70 -6.89
CA CYS C 24 8.53 -3.60 -6.52
C CYS C 24 7.41 -3.58 -7.54
N LYS C 25 7.29 -2.49 -8.30
CA LYS C 25 6.27 -2.30 -9.32
C LYS C 25 5.89 -3.65 -10.02
N GLY C 26 4.66 -4.06 -9.81
CA GLY C 26 4.16 -5.30 -10.40
C GLY C 26 4.25 -6.49 -9.45
N ASN C 27 4.89 -6.29 -8.30
CA ASN C 27 5.08 -7.35 -7.30
C ASN C 27 4.58 -6.95 -5.92
N GLN C 28 3.84 -7.82 -5.27
CA GLN C 28 3.33 -7.53 -3.94
C GLN C 28 4.30 -7.95 -2.82
N ARG C 29 4.94 -9.13 -2.96
CA ARG C 29 5.88 -9.61 -1.92
C ARG C 29 7.04 -8.64 -1.74
N ALA C 30 7.59 -8.15 -2.87
CA ALA C 30 8.71 -7.22 -2.85
C ALA C 30 8.37 -5.89 -2.17
N THR C 31 7.18 -5.36 -2.43
CA THR C 31 6.79 -4.10 -1.81
C THR C 31 6.66 -4.26 -0.30
N ALA C 32 6.07 -5.38 0.12
CA ALA C 32 5.90 -5.68 1.54
C ALA C 32 7.27 -5.84 2.20
N ARG C 33 8.21 -6.42 1.46
CA ARG C 33 9.57 -6.61 1.96
C ARG C 33 10.29 -5.28 2.11
N LYS C 34 10.20 -4.46 1.07
CA LYS C 34 10.81 -3.13 1.07
C LYS C 34 10.24 -2.23 2.16
N TYR C 35 8.92 -2.22 2.26
CA TYR C 35 8.21 -1.41 3.23
C TYR C 35 8.05 -2.09 4.56
N ASN C 36 8.53 -3.33 4.62
CA ASN C 36 8.50 -4.15 5.83
C ASN C 36 7.08 -4.24 6.40
N ILE C 37 6.19 -4.79 5.59
CA ILE C 37 4.80 -4.96 5.98
C ILE C 37 4.29 -6.30 5.46
N HIS C 38 3.03 -6.61 5.68
CA HIS C 38 2.49 -7.85 5.19
C HIS C 38 1.99 -7.71 3.76
N ARG C 39 2.06 -8.80 3.03
CA ARG C 39 1.62 -8.82 1.64
C ARG C 39 0.09 -9.02 1.55
N ARG C 40 -0.58 -9.36 2.67
CA ARG C 40 -2.07 -9.48 2.67
C ARG C 40 -2.66 -8.06 2.68
N GLN C 41 -1.96 -7.12 3.35
CA GLN C 41 -2.41 -5.71 3.44
C GLN C 41 -2.38 -5.00 2.08
N ILE C 42 -1.33 -5.23 1.25
CA ILE C 42 -1.26 -4.62 -0.10
C ILE C 42 -2.38 -5.15 -0.94
N GLN C 43 -2.62 -6.44 -0.79
CA GLN C 43 -3.68 -7.14 -1.47
C GLN C 43 -5.05 -6.67 -0.99
N LYS C 44 -5.17 -6.49 0.30
CA LYS C 44 -6.42 -6.01 0.87
C LYS C 44 -6.69 -4.55 0.54
N TRP C 45 -5.68 -3.71 0.66
CA TRP C 45 -5.83 -2.30 0.36
C TRP C 45 -6.24 -2.16 -1.06
N LEU C 46 -5.84 -3.13 -1.87
CA LEU C 46 -6.20 -3.15 -3.27
C LEU C 46 -7.69 -3.36 -3.41
N GLN C 47 -8.22 -4.20 -2.54
CA GLN C 47 -9.66 -4.47 -2.48
C GLN C 47 -10.39 -3.21 -2.07
N CYS C 48 -9.63 -2.16 -1.74
CA CYS C 48 -10.25 -0.89 -1.33
C CYS C 48 -9.37 0.34 -1.63
N GLU C 49 -8.39 0.20 -2.54
CA GLU C 49 -7.49 1.31 -2.91
C GLU C 49 -8.25 2.52 -3.38
N SER C 50 -9.28 2.24 -4.15
CA SER C 50 -10.16 3.31 -4.63
C SER C 50 -10.74 4.07 -3.45
N ASN C 51 -11.05 3.32 -2.38
CA ASN C 51 -11.59 3.89 -1.15
C ASN C 51 -10.49 4.62 -0.40
N LEU C 52 -9.24 4.16 -0.56
CA LEU C 52 -8.10 4.80 0.08
C LEU C 52 -7.91 6.20 -0.45
N ARG C 53 -8.14 6.32 -1.77
CA ARG C 53 -8.02 7.59 -2.47
C ARG C 53 -8.97 8.64 -1.91
N SER C 54 -10.23 8.27 -1.76
CA SER C 54 -11.23 9.19 -1.21
C SER C 54 -11.01 9.41 0.30
N SER C 55 -10.31 8.46 0.93
CA SER C 55 -10.01 8.53 2.36
C SER C 55 -8.97 9.60 2.67
N VAL C 56 -7.95 9.69 1.81
CA VAL C 56 -6.89 10.67 2.01
C VAL C 56 -7.32 12.04 1.48
N ALA C 57 -8.29 12.02 0.57
CA ALA C 57 -8.83 13.24 -0.06
C ALA C 57 -9.68 14.07 0.92
N ASN C 58 -9.96 15.32 0.54
CA ASN C 58 -10.76 16.22 1.37
C ASN C 58 -11.52 17.21 0.51
N ASN C 59 -12.85 17.17 0.60
CA ASN C 59 -13.71 18.06 -0.18
C ASN C 59 -13.53 17.84 -1.68
N GLY C 1 -0.48 -4.60 23.11
CA GLY C 1 0.08 -5.49 22.13
C GLY C 1 0.64 -4.69 20.97
N SER C 2 0.36 -5.14 19.73
CA SER C 2 0.87 -4.45 18.54
C SER C 2 0.00 -4.61 17.24
N ARG C 3 -0.50 -3.46 16.75
CA ARG C 3 -1.24 -3.27 15.46
C ARG C 3 -1.01 -1.83 15.15
N ARG C 4 -0.04 -1.57 14.29
CA ARG C 4 0.26 -0.21 13.94
C ARG C 4 -0.78 0.31 13.02
N ILE C 5 -0.92 1.61 13.00
CA ILE C 5 -1.94 2.24 12.22
C ILE C 5 -1.40 2.74 10.90
N PHE C 6 -2.04 2.26 9.87
CA PHE C 6 -1.70 2.61 8.52
C PHE C 6 -2.51 3.77 8.02
N THR C 7 -1.80 4.72 7.44
CA THR C 7 -2.41 5.89 6.83
C THR C 7 -2.68 5.67 5.35
N PRO C 8 -3.68 6.34 4.77
CA PRO C 8 -3.98 6.21 3.34
C PRO C 8 -2.79 6.62 2.48
N HIS C 9 -2.06 7.64 2.90
CA HIS C 9 -0.87 8.08 2.16
C HIS C 9 0.15 6.94 2.13
N PHE C 10 0.30 6.22 3.25
CA PHE C 10 1.20 5.08 3.32
C PHE C 10 0.69 3.99 2.42
N LYS C 11 -0.60 3.70 2.55
CA LYS C 11 -1.25 2.69 1.72
C LYS C 11 -0.99 2.98 0.26
N LEU C 12 -1.23 4.22 -0.11
CA LEU C 12 -1.00 4.72 -1.46
C LEU C 12 0.49 4.79 -1.75
N GLN C 13 1.30 4.86 -0.71
CA GLN C 13 2.74 4.91 -0.88
C GLN C 13 3.20 3.52 -1.27
N VAL C 14 2.53 2.54 -0.67
CA VAL C 14 2.77 1.15 -0.93
C VAL C 14 2.34 0.84 -2.32
N LEU C 15 1.09 1.21 -2.58
CA LEU C 15 0.46 1.00 -3.87
C LEU C 15 1.22 1.73 -4.98
N GLU C 16 1.63 2.97 -4.72
CA GLU C 16 2.38 3.78 -5.70
C GLU C 16 3.73 3.11 -5.99
N SER C 17 4.49 2.81 -4.94
CA SER C 17 5.74 2.04 -5.07
C SER C 17 5.53 0.74 -5.79
N TYR C 18 4.53 0.04 -5.33
CA TYR C 18 4.08 -1.21 -5.91
C TYR C 18 3.87 -1.06 -7.41
N ARG C 19 3.33 0.05 -7.79
CA ARG C 19 3.03 0.32 -9.20
C ARG C 19 4.13 1.00 -10.04
N ASN C 20 5.23 1.46 -9.40
CA ASN C 20 6.24 2.19 -10.17
C ASN C 20 7.67 1.93 -9.73
N ASP C 21 7.85 1.47 -8.50
CA ASP C 21 9.19 1.20 -7.99
C ASP C 21 9.83 0.08 -8.78
N ASN C 22 10.97 0.37 -9.40
CA ASN C 22 11.66 -0.65 -10.17
C ASN C 22 11.95 -1.89 -9.31
N ASP C 23 11.86 -1.71 -7.98
CA ASP C 23 12.15 -2.79 -7.04
C ASP C 23 10.93 -3.69 -6.74
N CYS C 24 9.70 -3.16 -6.88
CA CYS C 24 8.51 -3.99 -6.56
C CYS C 24 7.45 -3.91 -7.64
N LYS C 25 7.47 -2.84 -8.44
CA LYS C 25 6.51 -2.66 -9.53
C LYS C 25 6.12 -3.96 -10.21
N GLY C 26 4.84 -4.29 -10.09
CA GLY C 26 4.31 -5.51 -10.68
C GLY C 26 4.27 -6.68 -9.70
N ASN C 27 4.85 -6.50 -8.51
CA ASN C 27 4.91 -7.55 -7.49
C ASN C 27 4.40 -7.09 -6.15
N GLN C 28 3.60 -7.92 -5.47
CA GLN C 28 3.09 -7.56 -4.16
C GLN C 28 4.02 -7.96 -3.01
N ARG C 29 4.64 -9.16 -3.09
CA ARG C 29 5.54 -9.62 -2.02
C ARG C 29 6.70 -8.66 -1.82
N ALA C 30 7.34 -8.26 -2.93
CA ALA C 30 8.49 -7.34 -2.91
C ALA C 30 8.14 -6.00 -2.25
N THR C 31 6.98 -5.43 -2.59
CA THR C 31 6.57 -4.15 -2.00
C THR C 31 6.36 -4.28 -0.50
N ALA C 32 5.68 -5.35 -0.11
CA ALA C 32 5.42 -5.63 1.29
C ALA C 32 6.72 -5.83 2.03
N ARG C 33 7.66 -6.49 1.39
CA ARG C 33 8.99 -6.74 1.97
C ARG C 33 9.77 -5.44 2.13
N LYS C 34 9.76 -4.63 1.05
CA LYS C 34 10.46 -3.34 1.02
C LYS C 34 9.89 -2.38 2.07
N TYR C 35 8.57 -2.45 2.27
CA TYR C 35 7.86 -1.59 3.20
C TYR C 35 7.62 -2.27 4.53
N ASN C 36 8.03 -3.54 4.61
CA ASN C 36 7.88 -4.36 5.82
C ASN C 36 6.43 -4.43 6.29
N ILE C 37 5.59 -5.00 5.44
CA ILE C 37 4.19 -5.17 5.71
C ILE C 37 3.69 -6.47 5.08
N HIS C 38 2.41 -6.74 5.19
CA HIS C 38 1.84 -7.93 4.60
C HIS C 38 1.41 -7.69 3.16
N ARG C 39 1.27 -8.77 2.41
CA ARG C 39 0.86 -8.68 1.01
C ARG C 39 -0.67 -8.82 0.84
N ARG C 40 -1.42 -9.09 1.94
CA ARG C 40 -2.89 -9.14 1.88
C ARG C 40 -3.43 -7.71 1.94
N GLN C 41 -2.71 -6.82 2.66
CA GLN C 41 -3.09 -5.43 2.79
C GLN C 41 -2.96 -4.65 1.46
N ILE C 42 -1.86 -4.88 0.68
CA ILE C 42 -1.68 -4.23 -0.66
C ILE C 42 -2.81 -4.67 -1.56
N GLN C 43 -3.11 -5.95 -1.51
CA GLN C 43 -4.18 -6.55 -2.28
C GLN C 43 -5.54 -6.01 -1.87
N LYS C 44 -5.76 -5.92 -0.56
CA LYS C 44 -7.01 -5.38 -0.02
C LYS C 44 -7.16 -3.90 -0.32
N TRP C 45 -6.08 -3.12 -0.13
CA TRP C 45 -6.14 -1.69 -0.38
C TRP C 45 -6.47 -1.49 -1.83
N LEU C 46 -5.96 -2.37 -2.66
CA LEU C 46 -6.23 -2.33 -4.08
C LEU C 46 -7.72 -2.48 -4.33
N GLN C 47 -8.35 -3.29 -3.48
CA GLN C 47 -9.79 -3.52 -3.53
C GLN C 47 -10.53 -2.22 -3.20
N CYS C 48 -9.74 -1.21 -2.81
CA CYS C 48 -10.33 0.10 -2.48
C CYS C 48 -9.34 1.26 -2.69
N GLU C 49 -8.30 1.06 -3.48
CA GLU C 49 -7.29 2.11 -3.74
C GLU C 49 -7.93 3.38 -4.25
N SER C 50 -8.94 3.20 -5.08
CA SER C 50 -9.73 4.33 -5.61
C SER C 50 -10.33 5.13 -4.44
N ASN C 51 -10.76 4.39 -3.42
CA ASN C 51 -11.32 4.99 -2.20
C ASN C 51 -10.22 5.65 -1.38
N LEU C 52 -9.01 5.09 -1.47
CA LEU C 52 -7.84 5.62 -0.75
C LEU C 52 -7.54 7.03 -1.25
N ARG C 53 -7.67 7.17 -2.57
CA ARG C 53 -7.41 8.44 -3.25
C ARG C 53 -8.32 9.54 -2.75
N SER C 54 -9.61 9.25 -2.68
CA SER C 54 -10.58 10.24 -2.18
C SER C 54 -10.44 10.40 -0.66
N SER C 55 -9.91 9.37 0.01
CA SER C 55 -9.73 9.39 1.47
C SER C 55 -8.54 10.27 1.87
N VAL C 56 -7.60 10.45 0.94
CA VAL C 56 -6.41 11.25 1.20
C VAL C 56 -6.72 12.74 1.02
N ALA C 57 -7.79 13.03 0.27
CA ALA C 57 -8.24 14.40 -0.02
C ALA C 57 -7.07 15.36 -0.29
N ASN C 58 -6.59 15.36 -1.54
CA ASN C 58 -5.48 16.22 -1.93
C ASN C 58 -6.00 17.59 -2.38
N ASN C 59 -5.89 18.58 -1.51
CA ASN C 59 -6.35 19.94 -1.79
C ASN C 59 -7.85 19.97 -2.05
N GLY C 1 2.58 -7.83 19.70
CA GLY C 1 2.13 -7.76 18.34
C GLY C 1 0.92 -6.87 18.19
N SER C 2 1.15 -5.56 18.11
CA SER C 2 0.04 -4.58 18.02
C SER C 2 -0.54 -4.36 16.58
N ARG C 3 -1.63 -3.54 16.52
CA ARG C 3 -2.24 -3.04 15.24
C ARG C 3 -1.60 -1.70 15.06
N ARG C 4 -0.73 -1.57 14.08
CA ARG C 4 -0.07 -0.31 13.89
C ARG C 4 -0.97 0.66 13.17
N ILE C 5 -0.52 1.89 13.12
CA ILE C 5 -1.31 2.96 12.53
C ILE C 5 -0.94 3.22 11.07
N PHE C 6 -1.75 2.66 10.20
CA PHE C 6 -1.59 2.81 8.77
C PHE C 6 -2.48 3.89 8.21
N THR C 7 -1.85 4.83 7.58
CA THR C 7 -2.56 5.92 6.92
C THR C 7 -2.89 5.55 5.48
N PRO C 8 -3.97 6.11 4.91
CA PRO C 8 -4.33 5.84 3.51
C PRO C 8 -3.23 6.28 2.55
N HIS C 9 -2.59 7.41 2.85
CA HIS C 9 -1.51 7.91 2.00
C HIS C 9 -0.39 6.87 1.98
N PHE C 10 -0.13 6.23 3.13
CA PHE C 10 0.89 5.18 3.21
C PHE C 10 0.43 4.01 2.39
N LYS C 11 -0.83 3.63 2.58
CA LYS C 11 -1.40 2.52 1.83
C LYS C 11 -1.22 2.76 0.34
N LEU C 12 -1.59 3.96 -0.08
CA LEU C 12 -1.44 4.38 -1.46
C LEU C 12 0.01 4.56 -1.80
N GLN C 13 0.84 4.74 -0.79
CA GLN C 13 2.26 4.90 -1.02
C GLN C 13 2.84 3.54 -1.35
N VAL C 14 2.29 2.54 -0.66
CA VAL C 14 2.64 1.16 -0.87
C VAL C 14 2.19 0.74 -2.24
N LEU C 15 0.92 0.99 -2.47
CA LEU C 15 0.27 0.67 -3.71
C LEU C 15 0.91 1.41 -4.89
N GLU C 16 1.19 2.69 -4.71
CA GLU C 16 1.82 3.50 -5.77
C GLU C 16 3.21 2.95 -6.09
N SER C 17 4.04 2.75 -5.05
CA SER C 17 5.35 2.10 -5.21
C SER C 17 5.22 0.74 -5.86
N TYR C 18 4.32 -0.02 -5.31
CA TYR C 18 3.97 -1.32 -5.80
C TYR C 18 3.69 -1.28 -7.30
N ARG C 19 3.04 -0.23 -7.72
CA ARG C 19 2.66 -0.08 -9.13
C ARG C 19 3.68 0.64 -10.03
N ASN C 20 4.74 1.24 -9.46
CA ASN C 20 5.65 2.03 -10.32
C ASN C 20 7.10 1.91 -9.93
N ASP C 21 7.38 1.55 -8.69
CA ASP C 21 8.75 1.43 -8.22
C ASP C 21 9.47 0.33 -8.98
N ASN C 22 10.55 0.68 -9.67
CA ASN C 22 11.31 -0.31 -10.41
C ASN C 22 11.75 -1.47 -9.48
N ASP C 23 11.67 -1.24 -8.16
CA ASP C 23 12.10 -2.26 -7.19
C ASP C 23 10.99 -3.24 -6.80
N CYS C 24 9.70 -2.85 -6.90
CA CYS C 24 8.62 -3.76 -6.51
C CYS C 24 7.52 -3.83 -7.55
N LYS C 25 7.38 -2.80 -8.36
CA LYS C 25 6.36 -2.73 -9.43
C LYS C 25 6.05 -4.10 -10.04
N GLY C 26 4.82 -4.53 -9.82
CA GLY C 26 4.35 -5.82 -10.33
C GLY C 26 4.44 -6.94 -9.31
N ASN C 27 5.03 -6.64 -8.14
CA ASN C 27 5.20 -7.64 -7.07
C ASN C 27 4.71 -7.13 -5.73
N GLN C 28 4.03 -7.99 -4.97
CA GLN C 28 3.56 -7.60 -3.65
C GLN C 28 4.58 -7.87 -2.52
N ARG C 29 5.31 -9.00 -2.60
CA ARG C 29 6.28 -9.34 -1.56
C ARG C 29 7.38 -8.28 -1.47
N ALA C 30 7.91 -7.88 -2.63
CA ALA C 30 8.98 -6.87 -2.70
C ALA C 30 8.56 -5.53 -2.10
N THR C 31 7.34 -5.06 -2.41
CA THR C 31 6.88 -3.77 -1.88
C THR C 31 6.74 -3.84 -0.36
N ALA C 32 6.18 -4.95 0.12
CA ALA C 32 6.00 -5.17 1.54
C ALA C 32 7.35 -5.23 2.24
N ARG C 33 8.34 -5.80 1.55
CA ARG C 33 9.69 -5.91 2.08
C ARG C 33 10.36 -4.53 2.18
N LYS C 34 10.24 -3.76 1.09
CA LYS C 34 10.81 -2.40 1.00
C LYS C 34 10.17 -1.46 2.01
N TYR C 35 8.86 -1.63 2.19
CA TYR C 35 8.10 -0.80 3.10
C TYR C 35 7.94 -1.42 4.47
N ASN C 36 8.47 -2.63 4.60
CA ASN C 36 8.43 -3.39 5.86
C ASN C 36 7.00 -3.53 6.39
N ILE C 37 6.18 -4.21 5.62
CA ILE C 37 4.80 -4.47 5.96
C ILE C 37 4.42 -5.86 5.47
N HIS C 38 3.18 -6.25 5.67
CA HIS C 38 2.72 -7.54 5.20
C HIS C 38 2.15 -7.44 3.79
N ARG C 39 2.09 -8.58 3.12
CA ARG C 39 1.59 -8.61 1.76
C ARG C 39 0.08 -8.90 1.69
N ARG C 40 -0.56 -9.27 2.83
CA ARG C 40 -2.02 -9.45 2.85
C ARG C 40 -2.66 -8.07 2.78
N GLN C 41 -1.97 -7.06 3.38
CA GLN C 41 -2.45 -5.67 3.41
C GLN C 41 -2.41 -5.02 2.00
N ILE C 42 -1.34 -5.24 1.21
CA ILE C 42 -1.25 -4.69 -0.18
C ILE C 42 -2.35 -5.30 -1.00
N GLN C 43 -2.56 -6.57 -0.76
CA GLN C 43 -3.60 -7.34 -1.44
C GLN C 43 -4.98 -6.87 -1.03
N LYS C 44 -5.16 -6.63 0.27
CA LYS C 44 -6.43 -6.16 0.80
C LYS C 44 -6.72 -4.72 0.38
N TRP C 45 -5.70 -3.85 0.47
CA TRP C 45 -5.87 -2.46 0.09
C TRP C 45 -6.24 -2.41 -1.35
N LEU C 46 -5.81 -3.41 -2.08
CA LEU C 46 -6.14 -3.53 -3.49
C LEU C 46 -7.62 -3.77 -3.66
N GLN C 47 -8.16 -4.56 -2.74
CA GLN C 47 -9.58 -4.89 -2.70
C GLN C 47 -10.37 -3.63 -2.36
N CYS C 48 -9.65 -2.54 -2.07
CA CYS C 48 -10.30 -1.27 -1.75
C CYS C 48 -9.46 -0.05 -2.13
N GLU C 49 -8.45 -0.23 -3.00
CA GLU C 49 -7.56 0.88 -3.42
C GLU C 49 -8.35 2.02 -3.99
N SER C 50 -9.35 1.69 -4.77
CA SER C 50 -10.25 2.68 -5.35
C SER C 50 -10.87 3.52 -4.23
N ASN C 51 -11.19 2.83 -3.12
CA ASN C 51 -11.76 3.46 -1.95
C ASN C 51 -10.70 4.29 -1.23
N LEU C 52 -9.44 3.85 -1.32
CA LEU C 52 -8.31 4.55 -0.71
C LEU C 52 -8.17 5.93 -1.32
N ARG C 53 -8.36 5.96 -2.65
CA ARG C 53 -8.27 7.18 -3.43
C ARG C 53 -9.27 8.22 -2.98
N SER C 54 -10.52 7.81 -2.82
CA SER C 54 -11.55 8.73 -2.37
C SER C 54 -11.39 9.06 -0.88
N SER C 55 -10.73 8.15 -0.15
CA SER C 55 -10.49 8.33 1.29
C SER C 55 -9.47 9.44 1.55
N VAL C 56 -8.43 9.49 0.73
CA VAL C 56 -7.39 10.50 0.88
C VAL C 56 -7.79 11.81 0.19
N ALA C 57 -8.80 11.70 -0.70
CA ALA C 57 -9.32 12.83 -1.46
C ALA C 57 -8.24 13.55 -2.28
N ASN C 58 -7.21 12.79 -2.68
CA ASN C 58 -6.11 13.35 -3.46
C ASN C 58 -5.46 12.26 -4.32
N ASN C 59 -5.82 12.23 -5.60
CA ASN C 59 -5.27 11.24 -6.54
C ASN C 59 -5.72 9.84 -6.16
N GLY C 1 0.28 -4.61 21.20
CA GLY C 1 1.36 -5.25 20.48
C GLY C 1 1.22 -4.99 19.01
N SER C 2 0.36 -5.77 18.34
CA SER C 2 0.14 -5.63 16.89
C SER C 2 -0.90 -4.55 16.49
N ARG C 3 -1.02 -4.33 15.14
CA ARG C 3 -1.98 -3.36 14.50
C ARG C 3 -1.34 -2.04 14.60
N ARG C 4 -0.41 -1.77 13.69
CA ARG C 4 0.24 -0.49 13.73
C ARG C 4 -0.64 0.55 13.11
N ILE C 5 -0.17 1.79 13.11
CA ILE C 5 -0.94 2.91 12.61
C ILE C 5 -0.61 3.19 11.15
N PHE C 6 -1.47 2.70 10.29
CA PHE C 6 -1.35 2.89 8.86
C PHE C 6 -2.20 4.03 8.34
N THR C 7 -1.55 4.94 7.68
CA THR C 7 -2.24 6.07 7.07
C THR C 7 -2.60 5.74 5.62
N PRO C 8 -3.64 6.35 5.06
CA PRO C 8 -3.98 6.11 3.66
C PRO C 8 -2.86 6.53 2.72
N HIS C 9 -2.18 7.63 3.04
CA HIS C 9 -1.06 8.11 2.20
C HIS C 9 0.00 7.00 2.14
N PHE C 10 0.24 6.33 3.28
CA PHE C 10 1.20 5.22 3.31
C PHE C 10 0.69 4.08 2.47
N LYS C 11 -0.57 3.74 2.68
CA LYS C 11 -1.21 2.69 1.93
C LYS C 11 -1.04 2.95 0.45
N LEU C 12 -1.38 4.17 0.07
CA LEU C 12 -1.24 4.64 -1.31
C LEU C 12 0.21 4.76 -1.68
N GLN C 13 1.07 4.89 -0.68
CA GLN C 13 2.49 4.98 -0.94
C GLN C 13 2.99 3.59 -1.32
N VAL C 14 2.43 2.60 -0.64
CA VAL C 14 2.73 1.21 -0.90
C VAL C 14 2.21 0.87 -2.26
N LEU C 15 0.93 1.16 -2.45
CA LEU C 15 0.26 0.90 -3.68
C LEU C 15 0.92 1.64 -4.85
N GLU C 16 1.27 2.91 -4.64
CA GLU C 16 1.93 3.71 -5.68
C GLU C 16 3.28 3.10 -6.02
N SER C 17 4.11 2.85 -4.99
CA SER C 17 5.39 2.15 -5.18
C SER C 17 5.20 0.83 -5.86
N TYR C 18 4.31 0.08 -5.32
CA TYR C 18 3.91 -1.20 -5.84
C TYR C 18 3.60 -1.11 -7.35
N ARG C 19 2.98 -0.04 -7.72
CA ARG C 19 2.58 0.17 -9.11
C ARG C 19 3.62 0.84 -10.02
N ASN C 20 4.72 1.41 -9.47
CA ASN C 20 5.65 2.16 -10.31
C ASN C 20 7.11 1.97 -9.95
N ASP C 21 7.37 1.56 -8.71
CA ASP C 21 8.73 1.35 -8.25
C ASP C 21 9.39 0.25 -9.06
N ASN C 22 10.46 0.58 -9.76
CA ASN C 22 11.16 -0.43 -10.54
C ASN C 22 11.56 -1.63 -9.67
N ASP C 23 11.54 -1.43 -8.33
CA ASP C 23 11.93 -2.47 -7.40
C ASP C 23 10.78 -3.40 -7.01
N CYS C 24 9.51 -2.95 -7.12
CA CYS C 24 8.39 -3.82 -6.73
C CYS C 24 7.26 -3.82 -7.75
N LYS C 25 7.18 -2.76 -8.55
CA LYS C 25 6.16 -2.60 -9.59
C LYS C 25 5.77 -3.95 -10.24
N GLY C 26 4.53 -4.35 -10.00
CA GLY C 26 4.01 -5.60 -10.54
C GLY C 26 4.06 -6.75 -9.54
N ASN C 27 4.72 -6.53 -8.41
CA ASN C 27 4.87 -7.55 -7.36
C ASN C 27 4.42 -7.06 -6.00
N GLN C 28 3.69 -7.90 -5.28
CA GLN C 28 3.22 -7.53 -3.96
C GLN C 28 4.22 -7.89 -2.85
N ARG C 29 4.87 -9.07 -2.94
CA ARG C 29 5.83 -9.51 -1.92
C ARG C 29 6.99 -8.51 -1.79
N ALA C 30 7.52 -8.08 -2.94
CA ALA C 30 8.64 -7.14 -2.98
C ALA C 30 8.30 -5.79 -2.35
N THR C 31 7.10 -5.27 -2.62
CA THR C 31 6.71 -3.99 -2.03
C THR C 31 6.57 -4.12 -0.52
N ALA C 32 5.96 -5.21 -0.09
CA ALA C 32 5.79 -5.47 1.35
C ALA C 32 7.14 -5.64 2.02
N ARG C 33 8.07 -6.27 1.32
CA ARG C 33 9.43 -6.48 1.83
C ARG C 33 10.18 -5.16 1.93
N LYS C 34 10.10 -4.36 0.89
CA LYS C 34 10.76 -3.05 0.85
C LYS C 34 10.19 -2.11 1.91
N TYR C 35 8.87 -2.13 2.06
CA TYR C 35 8.19 -1.28 3.00
C TYR C 35 8.01 -1.94 4.36
N ASN C 36 8.48 -3.18 4.44
CA ASN C 36 8.42 -3.98 5.66
C ASN C 36 6.99 -4.06 6.21
N ILE C 37 6.12 -4.66 5.42
CA ILE C 37 4.72 -4.82 5.79
C ILE C 37 4.23 -6.14 5.24
N HIS C 38 2.95 -6.45 5.45
CA HIS C 38 2.40 -7.68 4.94
C HIS C 38 1.88 -7.50 3.53
N ARG C 39 1.83 -8.61 2.80
CA ARG C 39 1.36 -8.60 1.43
C ARG C 39 -0.18 -8.77 1.36
N ARG C 40 -0.83 -9.16 2.50
CA ARG C 40 -2.31 -9.25 2.53
C ARG C 40 -2.88 -7.82 2.54
N GLN C 41 -2.16 -6.88 3.18
CA GLN C 41 -2.58 -5.47 3.29
C GLN C 41 -2.56 -4.78 1.90
N ILE C 42 -1.54 -5.01 1.06
CA ILE C 42 -1.47 -4.42 -0.30
C ILE C 42 -2.62 -4.93 -1.11
N GLN C 43 -2.88 -6.21 -0.94
CA GLN C 43 -3.98 -6.88 -1.60
C GLN C 43 -5.32 -6.38 -1.10
N LYS C 44 -5.43 -6.19 0.20
CA LYS C 44 -6.65 -5.67 0.79
C LYS C 44 -6.89 -4.20 0.44
N TRP C 45 -5.85 -3.39 0.53
CA TRP C 45 -5.99 -1.99 0.22
C TRP C 45 -6.40 -1.86 -1.21
N LEU C 46 -5.99 -2.81 -2.02
CA LEU C 46 -6.34 -2.85 -3.41
C LEU C 46 -7.84 -3.03 -3.55
N GLN C 47 -8.39 -3.83 -2.64
CA GLN C 47 -9.80 -4.09 -2.59
C GLN C 47 -10.54 -2.80 -2.21
N CYS C 48 -9.76 -1.75 -1.92
CA CYS C 48 -10.36 -0.45 -1.56
C CYS C 48 -9.44 0.75 -1.88
N GLU C 49 -8.45 0.57 -2.77
CA GLU C 49 -7.52 1.65 -3.14
C GLU C 49 -8.25 2.87 -3.65
N SER C 50 -9.29 2.62 -4.42
CA SER C 50 -10.14 3.69 -4.93
C SER C 50 -10.70 4.49 -3.75
N ASN C 51 -11.04 3.76 -2.67
CA ASN C 51 -11.56 4.36 -1.46
C ASN C 51 -10.45 5.08 -0.71
N LEU C 52 -9.22 4.58 -0.85
CA LEU C 52 -8.06 5.19 -0.22
C LEU C 52 -7.85 6.58 -0.77
N ARG C 53 -8.05 6.70 -2.08
CA ARG C 53 -7.89 7.94 -2.80
C ARG C 53 -8.82 9.03 -2.26
N SER C 54 -10.10 8.68 -2.12
CA SER C 54 -11.07 9.64 -1.58
C SER C 54 -10.87 9.84 -0.08
N SER C 55 -10.53 8.76 0.62
CA SER C 55 -10.31 8.79 2.07
C SER C 55 -8.91 9.31 2.41
N VAL C 56 -8.19 9.81 1.41
CA VAL C 56 -6.84 10.33 1.61
C VAL C 56 -6.89 11.69 2.30
N ALA C 57 -8.01 12.40 2.10
CA ALA C 57 -8.24 13.73 2.68
C ALA C 57 -6.98 14.59 2.67
N ASN C 58 -6.43 14.83 1.48
CA ASN C 58 -5.23 15.65 1.33
C ASN C 58 -5.59 17.12 1.15
N ASN C 59 -5.37 17.91 2.20
CA ASN C 59 -5.68 19.34 2.17
C ASN C 59 -7.17 19.57 1.95
N GLY C 1 2.58 -0.63 19.99
CA GLY C 1 1.32 -1.34 19.94
C GLY C 1 1.49 -2.61 19.15
N SER C 2 0.77 -3.67 19.54
CA SER C 2 0.86 -4.98 18.88
C SER C 2 0.03 -5.11 17.55
N ARG C 3 -0.43 -3.95 17.03
CA ARG C 3 -1.16 -3.79 15.71
C ARG C 3 -0.97 -2.33 15.40
N ARG C 4 0.00 -2.02 14.57
CA ARG C 4 0.22 -0.64 14.23
C ARG C 4 -0.89 -0.19 13.32
N ILE C 5 -1.16 1.09 13.38
CA ILE C 5 -2.26 1.67 12.61
C ILE C 5 -1.75 2.23 11.29
N PHE C 6 -2.32 1.69 10.24
CA PHE C 6 -2.02 2.11 8.89
C PHE C 6 -2.94 3.19 8.40
N THR C 7 -2.34 4.18 7.80
CA THR C 7 -3.08 5.29 7.22
C THR C 7 -3.31 5.04 5.73
N PRO C 8 -4.32 5.65 5.12
CA PRO C 8 -4.54 5.48 3.69
C PRO C 8 -3.34 5.97 2.88
N HIS C 9 -2.70 7.04 3.32
CA HIS C 9 -1.54 7.56 2.61
C HIS C 9 -0.43 6.51 2.60
N PHE C 10 -0.27 5.79 3.73
CA PHE C 10 0.71 4.71 3.82
C PHE C 10 0.31 3.59 2.91
N LYS C 11 -0.97 3.23 2.96
CA LYS C 11 -1.50 2.20 2.10
C LYS C 11 -1.21 2.52 0.67
N LEU C 12 -1.53 3.74 0.29
CA LEU C 12 -1.28 4.27 -1.04
C LEU C 12 0.19 4.43 -1.27
N GLN C 13 0.96 4.54 -0.20
CA GLN C 13 2.38 4.67 -0.31
C GLN C 13 2.96 3.31 -0.68
N VAL C 14 2.34 2.29 -0.10
CA VAL C 14 2.70 0.92 -0.36
C VAL C 14 2.34 0.60 -1.78
N LEU C 15 1.08 0.87 -2.08
CA LEU C 15 0.54 0.66 -3.39
C LEU C 15 1.27 1.44 -4.47
N GLU C 16 1.56 2.71 -4.19
CA GLU C 16 2.30 3.58 -5.13
C GLU C 16 3.70 3.03 -5.37
N SER C 17 4.44 2.74 -4.28
CA SER C 17 5.76 2.08 -4.38
C SER C 17 5.66 0.78 -5.12
N TYR C 18 4.72 -0.02 -4.69
CA TYR C 18 4.41 -1.28 -5.30
C TYR C 18 4.25 -1.14 -6.81
N ARG C 19 3.64 -0.07 -7.21
CA ARG C 19 3.35 0.19 -8.62
C ARG C 19 4.46 0.94 -9.40
N ASN C 20 5.48 1.50 -8.73
CA ASN C 20 6.47 2.31 -9.45
C ASN C 20 7.90 2.15 -8.96
N ASP C 21 8.06 1.70 -7.73
CA ASP C 21 9.39 1.51 -7.15
C ASP C 21 10.13 0.46 -7.94
N ASN C 22 11.26 0.82 -8.51
CA ASN C 22 12.05 -0.14 -9.26
C ASN C 22 12.40 -1.36 -8.40
N ASP C 23 12.25 -1.21 -7.06
CA ASP C 23 12.59 -2.29 -6.14
C ASP C 23 11.43 -3.26 -5.88
N CYS C 24 10.17 -2.84 -6.10
CA CYS C 24 9.02 -3.75 -5.84
C CYS C 24 8.01 -3.74 -6.97
N LYS C 25 7.94 -2.63 -7.71
CA LYS C 25 7.02 -2.48 -8.84
C LYS C 25 6.72 -3.81 -9.56
N GLY C 26 5.46 -4.22 -9.50
CA GLY C 26 5.03 -5.45 -10.14
C GLY C 26 5.00 -6.64 -9.17
N ASN C 27 5.48 -6.42 -7.95
CA ASN C 27 5.55 -7.47 -6.93
C ASN C 27 4.99 -7.02 -5.60
N GLN C 28 4.20 -7.87 -4.97
CA GLN C 28 3.62 -7.56 -3.66
C GLN C 28 4.54 -7.98 -2.51
N ARG C 29 5.23 -9.12 -2.66
CA ARG C 29 6.10 -9.64 -1.61
C ARG C 29 7.25 -8.64 -1.32
N ALA C 30 7.89 -8.12 -2.39
CA ALA C 30 8.99 -7.14 -2.26
C ALA C 30 8.56 -5.82 -1.60
N THR C 31 7.38 -5.31 -1.95
CA THR C 31 6.90 -4.05 -1.35
C THR C 31 6.65 -4.21 0.14
N ALA C 32 6.05 -5.33 0.51
CA ALA C 32 5.76 -5.64 1.90
C ALA C 32 7.06 -5.81 2.67
N ARG C 33 8.07 -6.37 2.01
CA ARG C 33 9.38 -6.57 2.63
C ARG C 33 10.09 -5.23 2.87
N LYS C 34 10.09 -4.39 1.84
CA LYS C 34 10.71 -3.06 1.91
C LYS C 34 10.03 -2.16 2.95
N TYR C 35 8.70 -2.21 2.96
CA TYR C 35 7.89 -1.41 3.87
C TYR C 35 7.62 -2.13 5.17
N ASN C 36 8.12 -3.36 5.27
CA ASN C 36 7.96 -4.20 6.46
C ASN C 36 6.51 -4.33 6.87
N ILE C 37 5.72 -4.95 6.01
CA ILE C 37 4.30 -5.16 6.26
C ILE C 37 3.88 -6.49 5.64
N HIS C 38 2.60 -6.80 5.74
CA HIS C 38 2.10 -8.04 5.16
C HIS C 38 1.66 -7.83 3.72
N ARG C 39 1.64 -8.91 2.96
CA ARG C 39 1.26 -8.86 1.56
C ARG C 39 -0.27 -9.05 1.35
N ARG C 40 -1.00 -9.60 2.37
CA ARG C 40 -2.48 -9.71 2.26
C ARG C 40 -3.08 -8.30 2.31
N GLN C 41 -2.40 -7.38 3.04
CA GLN C 41 -2.85 -6.00 3.14
C GLN C 41 -2.72 -5.27 1.79
N ILE C 42 -1.61 -5.46 1.04
CA ILE C 42 -1.44 -4.83 -0.29
C ILE C 42 -2.50 -5.35 -1.24
N GLN C 43 -2.72 -6.65 -1.16
CA GLN C 43 -3.71 -7.33 -1.96
C GLN C 43 -5.12 -6.84 -1.62
N LYS C 44 -5.39 -6.70 -0.33
CA LYS C 44 -6.69 -6.22 0.15
C LYS C 44 -6.91 -4.75 -0.18
N TRP C 45 -5.88 -3.92 0.05
CA TRP C 45 -6.01 -2.50 -0.25
C TRP C 45 -6.26 -2.35 -1.70
N LEU C 46 -5.74 -3.29 -2.48
CA LEU C 46 -5.94 -3.31 -3.91
C LEU C 46 -7.41 -3.52 -4.22
N GLN C 47 -8.04 -4.34 -3.38
CA GLN C 47 -9.48 -4.63 -3.48
C GLN C 47 -10.25 -3.36 -3.20
N CYS C 48 -9.53 -2.31 -2.80
CA CYS C 48 -10.18 -1.03 -2.50
C CYS C 48 -9.25 0.18 -2.68
N GLU C 49 -8.18 0.03 -3.48
CA GLU C 49 -7.22 1.13 -3.72
C GLU C 49 -7.92 2.33 -4.30
N SER C 50 -8.86 2.06 -5.17
CA SER C 50 -9.67 3.12 -5.77
C SER C 50 -10.38 3.90 -4.66
N ASN C 51 -10.83 3.15 -3.65
CA ASN C 51 -11.50 3.74 -2.48
C ASN C 51 -10.49 4.46 -1.61
N LEU C 52 -9.24 3.98 -1.61
CA LEU C 52 -8.15 4.59 -0.85
C LEU C 52 -7.90 6.00 -1.35
N ARG C 53 -7.96 6.12 -2.67
CA ARG C 53 -7.75 7.38 -3.37
C ARG C 53 -8.76 8.44 -2.94
N SER C 54 -10.03 8.07 -2.93
CA SER C 54 -11.07 9.01 -2.50
C SER C 54 -11.05 9.21 -0.98
N SER C 55 -10.91 8.10 -0.24
CA SER C 55 -10.87 8.14 1.21
C SER C 55 -9.46 8.44 1.73
N VAL C 56 -8.64 9.07 0.88
CA VAL C 56 -7.27 9.40 1.25
C VAL C 56 -7.26 10.56 2.24
N ALA C 57 -8.16 11.52 2.02
CA ALA C 57 -8.30 12.72 2.85
C ALA C 57 -6.95 13.42 3.09
N ASN C 58 -6.03 13.28 2.14
CA ASN C 58 -4.72 13.90 2.24
C ASN C 58 -4.13 14.15 0.86
N ASN C 59 -3.89 13.07 0.12
CA ASN C 59 -3.32 13.14 -1.23
C ASN C 59 -1.93 13.78 -1.21
N GLY C 1 -0.34 -9.55 17.04
CA GLY C 1 0.29 -8.60 16.16
C GLY C 1 0.55 -7.30 16.92
N SER C 2 0.05 -6.18 16.40
CA SER C 2 0.24 -4.87 17.04
C SER C 2 -0.83 -3.80 16.60
N ARG C 3 -1.02 -3.65 15.27
CA ARG C 3 -1.98 -2.70 14.62
C ARG C 3 -1.32 -1.37 14.60
N ARG C 4 -0.39 -1.20 13.68
CA ARG C 4 0.29 0.04 13.60
C ARG C 4 -0.60 1.07 12.97
N ILE C 5 -0.14 2.29 12.98
CA ILE C 5 -0.93 3.38 12.47
C ILE C 5 -0.61 3.65 11.03
N PHE C 6 -1.43 3.08 10.18
CA PHE C 6 -1.29 3.21 8.75
C PHE C 6 -2.19 4.30 8.21
N THR C 7 -1.57 5.24 7.53
CA THR C 7 -2.26 6.32 6.88
C THR C 7 -2.63 5.95 5.46
N PRO C 8 -3.73 6.50 4.89
CA PRO C 8 -4.11 6.22 3.52
C PRO C 8 -3.05 6.65 2.53
N HIS C 9 -2.37 7.76 2.80
CA HIS C 9 -1.29 8.23 1.93
C HIS C 9 -0.19 7.17 1.89
N PHE C 10 0.10 6.55 3.04
CA PHE C 10 1.10 5.49 3.11
C PHE C 10 0.60 4.29 2.33
N LYS C 11 -0.64 3.93 2.58
CA LYS C 11 -1.26 2.81 1.88
C LYS C 11 -1.14 3.01 0.38
N LEU C 12 -1.51 4.20 -0.05
CA LEU C 12 -1.43 4.61 -1.43
C LEU C 12 0.00 4.77 -1.85
N GLN C 13 0.89 4.97 -0.89
CA GLN C 13 2.31 5.11 -1.18
C GLN C 13 2.84 3.74 -1.50
N VAL C 14 2.31 2.76 -0.78
CA VAL C 14 2.64 1.37 -0.97
C VAL C 14 2.13 0.94 -2.30
N LEU C 15 0.84 1.19 -2.48
CA LEU C 15 0.15 0.85 -3.69
C LEU C 15 0.75 1.54 -4.91
N GLU C 16 1.06 2.84 -4.77
CA GLU C 16 1.66 3.62 -5.86
C GLU C 16 3.04 3.04 -6.22
N SER C 17 3.90 2.86 -5.20
CA SER C 17 5.21 2.18 -5.39
C SER C 17 5.03 0.82 -6.00
N TYR C 18 4.16 0.08 -5.40
CA TYR C 18 3.79 -1.25 -5.84
C TYR C 18 3.46 -1.23 -7.34
N ARG C 19 2.78 -0.20 -7.75
CA ARG C 19 2.34 -0.07 -9.15
C ARG C 19 3.34 0.63 -10.11
N ASN C 20 4.42 1.23 -9.61
CA ASN C 20 5.31 1.99 -10.51
C ASN C 20 6.78 1.87 -10.17
N ASP C 21 7.09 1.52 -8.93
CA ASP C 21 8.47 1.38 -8.51
C ASP C 21 9.15 0.25 -9.28
N ASN C 22 10.19 0.57 -10.01
CA ASN C 22 10.91 -0.44 -10.77
C ASN C 22 11.36 -1.59 -9.84
N ASP C 23 11.37 -1.31 -8.54
CA ASP C 23 11.83 -2.31 -7.55
C ASP C 23 10.71 -3.26 -7.10
N CYS C 24 9.43 -2.85 -7.18
CA CYS C 24 8.35 -3.73 -6.72
C CYS C 24 7.21 -3.82 -7.72
N LYS C 25 7.06 -2.79 -8.55
CA LYS C 25 6.01 -2.73 -9.56
C LYS C 25 5.66 -4.12 -10.15
N GLY C 26 4.42 -4.53 -9.92
CA GLY C 26 3.95 -5.82 -10.40
C GLY C 26 4.08 -6.93 -9.37
N ASN C 27 4.71 -6.63 -8.25
CA ASN C 27 4.94 -7.60 -7.19
C ASN C 27 4.47 -7.11 -5.84
N GLN C 28 3.75 -7.95 -5.10
CA GLN C 28 3.27 -7.56 -3.78
C GLN C 28 4.29 -7.88 -2.67
N ARG C 29 4.96 -9.05 -2.73
CA ARG C 29 5.92 -9.43 -1.68
C ARG C 29 7.07 -8.39 -1.61
N ALA C 30 7.58 -7.97 -2.78
CA ALA C 30 8.67 -7.00 -2.86
C ALA C 30 8.30 -5.64 -2.26
N THR C 31 7.09 -5.15 -2.54
CA THR C 31 6.67 -3.85 -2.00
C THR C 31 6.58 -3.91 -0.48
N ALA C 32 6.03 -5.01 0.01
CA ALA C 32 5.89 -5.23 1.45
C ALA C 32 7.26 -5.31 2.09
N ARG C 33 8.21 -5.91 1.39
CA ARG C 33 9.57 -6.03 1.89
C ARG C 33 10.27 -4.66 1.93
N LYS C 34 10.14 -3.91 0.83
CA LYS C 34 10.73 -2.58 0.69
C LYS C 34 10.14 -1.61 1.73
N TYR C 35 8.85 -1.74 1.97
CA TYR C 35 8.15 -0.88 2.89
C TYR C 35 8.02 -1.49 4.28
N ASN C 36 8.54 -2.71 4.40
CA ASN C 36 8.54 -3.46 5.66
C ASN C 36 7.15 -3.55 6.26
N ILE C 37 6.25 -4.19 5.53
CA ILE C 37 4.87 -4.38 5.94
C ILE C 37 4.41 -5.76 5.50
N HIS C 38 3.15 -6.07 5.76
CA HIS C 38 2.61 -7.35 5.37
C HIS C 38 2.13 -7.31 3.92
N ARG C 39 2.22 -8.45 3.26
CA ARG C 39 1.80 -8.57 1.87
C ARG C 39 0.29 -8.80 1.75
N ARG C 40 -0.40 -9.11 2.88
CA ARG C 40 -1.86 -9.27 2.86
C ARG C 40 -2.51 -7.87 2.84
N GLN C 41 -1.85 -6.90 3.50
CA GLN C 41 -2.32 -5.49 3.58
C GLN C 41 -2.34 -4.83 2.18
N ILE C 42 -1.26 -4.99 1.37
CA ILE C 42 -1.21 -4.41 0.00
C ILE C 42 -2.33 -4.98 -0.82
N GLN C 43 -2.55 -6.26 -0.62
CA GLN C 43 -3.62 -6.99 -1.29
C GLN C 43 -4.99 -6.54 -0.81
N LYS C 44 -5.12 -6.37 0.50
CA LYS C 44 -6.36 -5.91 1.11
C LYS C 44 -6.67 -4.46 0.73
N TRP C 45 -5.65 -3.58 0.78
CA TRP C 45 -5.87 -2.18 0.44
C TRP C 45 -6.32 -2.10 -0.98
N LEU C 46 -5.85 -3.02 -1.78
CA LEU C 46 -6.24 -3.11 -3.18
C LEU C 46 -7.72 -3.38 -3.28
N GLN C 47 -8.21 -4.19 -2.34
CA GLN C 47 -9.62 -4.52 -2.25
C GLN C 47 -10.41 -3.26 -1.91
N CYS C 48 -9.68 -2.17 -1.67
CA CYS C 48 -10.32 -0.90 -1.35
C CYS C 48 -9.47 0.32 -1.75
N GLU C 49 -8.47 0.15 -2.63
CA GLU C 49 -7.60 1.25 -3.06
C GLU C 49 -8.40 2.41 -3.61
N SER C 50 -9.44 2.08 -4.34
CA SER C 50 -10.37 3.08 -4.88
C SER C 50 -10.95 3.91 -3.72
N ASN C 51 -11.22 3.23 -2.61
CA ASN C 51 -11.75 3.86 -1.42
C ASN C 51 -10.65 4.68 -0.73
N LEU C 52 -9.39 4.22 -0.87
CA LEU C 52 -8.24 4.92 -0.29
C LEU C 52 -8.11 6.30 -0.93
N ARG C 53 -8.34 6.32 -2.24
CA ARG C 53 -8.27 7.55 -3.04
C ARG C 53 -9.24 8.60 -2.54
N SER C 54 -10.48 8.22 -2.33
CA SER C 54 -11.48 9.16 -1.84
C SER C 54 -11.26 9.45 -0.34
N SER C 55 -10.65 8.50 0.37
CA SER C 55 -10.37 8.65 1.79
C SER C 55 -9.26 9.67 2.05
N VAL C 56 -8.30 9.72 1.14
CA VAL C 56 -7.18 10.65 1.27
C VAL C 56 -7.58 12.04 0.77
N ALA C 57 -8.56 12.08 -0.15
CA ALA C 57 -9.07 13.32 -0.74
C ALA C 57 -8.03 14.01 -1.64
N ASN C 58 -7.05 14.66 -1.03
CA ASN C 58 -6.00 15.35 -1.76
C ASN C 58 -4.70 15.35 -0.96
N ASN C 59 -4.78 14.85 0.28
CA ASN C 59 -3.62 14.77 1.17
C ASN C 59 -3.09 16.16 1.49
N GLY C 1 -0.90 -10.28 16.69
CA GLY C 1 0.10 -9.50 16.02
C GLY C 1 -0.19 -8.04 16.27
N SER C 2 0.52 -7.13 15.59
CA SER C 2 0.33 -5.68 15.79
C SER C 2 -0.86 -5.03 15.00
N ARG C 3 -1.01 -3.69 15.18
CA ARG C 3 -1.99 -2.79 14.47
C ARG C 3 -1.28 -1.45 14.46
N ARG C 4 -0.39 -1.23 13.50
CA ARG C 4 0.32 0.02 13.47
C ARG C 4 -0.53 1.09 12.82
N ILE C 5 -0.04 2.32 12.88
CA ILE C 5 -0.79 3.44 12.36
C ILE C 5 -0.47 3.71 10.89
N PHE C 6 -1.34 3.17 10.04
CA PHE C 6 -1.23 3.35 8.59
C PHE C 6 -2.13 4.42 8.08
N THR C 7 -1.53 5.34 7.38
CA THR C 7 -2.29 6.42 6.74
C THR C 7 -2.66 6.02 5.32
N PRO C 8 -3.69 6.65 4.74
CA PRO C 8 -4.03 6.37 3.35
C PRO C 8 -2.93 6.78 2.39
N HIS C 9 -2.26 7.88 2.66
CA HIS C 9 -1.16 8.34 1.80
C HIS C 9 -0.07 7.27 1.77
N PHE C 10 0.18 6.63 2.92
CA PHE C 10 1.15 5.55 3.00
C PHE C 10 0.64 4.37 2.23
N LYS C 11 -0.64 4.06 2.43
CA LYS C 11 -1.27 2.97 1.74
C LYS C 11 -1.13 3.14 0.26
N LEU C 12 -1.45 4.35 -0.18
CA LEU C 12 -1.34 4.74 -1.56
C LEU C 12 0.12 4.85 -1.95
N GLN C 13 0.97 5.03 -0.96
CA GLN C 13 2.39 5.13 -1.24
C GLN C 13 2.91 3.72 -1.52
N VAL C 14 2.35 2.76 -0.80
CA VAL C 14 2.66 1.37 -1.00
C VAL C 14 2.14 0.95 -2.34
N LEU C 15 0.87 1.23 -2.53
CA LEU C 15 0.17 0.92 -3.74
C LEU C 15 0.82 1.60 -4.95
N GLU C 16 1.14 2.90 -4.82
CA GLU C 16 1.77 3.65 -5.92
C GLU C 16 3.14 3.05 -6.26
N SER C 17 3.98 2.82 -5.23
CA SER C 17 5.28 2.14 -5.43
C SER C 17 5.10 0.79 -6.05
N TYR C 18 4.22 0.05 -5.45
CA TYR C 18 3.84 -1.26 -5.89
C TYR C 18 3.50 -1.24 -7.40
N ARG C 19 2.87 -0.19 -7.82
CA ARG C 19 2.45 -0.05 -9.21
C ARG C 19 3.47 0.62 -10.16
N ASN C 20 4.56 1.19 -9.64
CA ASN C 20 5.48 1.94 -10.53
C ASN C 20 6.95 1.78 -10.19
N ASP C 21 7.24 1.47 -8.93
CA ASP C 21 8.61 1.29 -8.48
C ASP C 21 9.27 0.15 -9.24
N ASN C 22 10.34 0.45 -9.96
CA ASN C 22 11.03 -0.60 -10.71
C ASN C 22 11.45 -1.74 -9.77
N ASP C 23 11.44 -1.48 -8.45
CA ASP C 23 11.85 -2.49 -7.48
C ASP C 23 10.70 -3.41 -7.04
N CYS C 24 9.44 -2.99 -7.16
CA CYS C 24 8.32 -3.86 -6.71
C CYS C 24 7.19 -3.92 -7.72
N LYS C 25 7.06 -2.89 -8.55
CA LYS C 25 6.02 -2.80 -9.58
C LYS C 25 5.63 -4.17 -10.18
N GLY C 26 4.38 -4.57 -9.92
CA GLY C 26 3.86 -5.83 -10.42
C GLY C 26 3.98 -6.96 -9.39
N ASN C 27 4.63 -6.68 -8.27
CA ASN C 27 4.85 -7.64 -7.20
C ASN C 27 4.43 -7.12 -5.85
N GLN C 28 3.73 -7.94 -5.07
CA GLN C 28 3.32 -7.54 -3.75
C GLN C 28 4.33 -7.87 -2.65
N ARG C 29 5.03 -9.04 -2.75
CA ARG C 29 6.02 -9.42 -1.72
C ARG C 29 7.13 -8.37 -1.63
N ALA C 30 7.65 -7.92 -2.79
CA ALA C 30 8.73 -6.93 -2.85
C ALA C 30 8.33 -5.58 -2.25
N THR C 31 7.10 -5.12 -2.52
CA THR C 31 6.65 -3.84 -1.97
C THR C 31 6.53 -3.93 -0.46
N ALA C 32 5.96 -5.02 0.02
CA ALA C 32 5.81 -5.24 1.45
C ALA C 32 7.17 -5.36 2.11
N ARG C 33 8.13 -5.94 1.40
CA ARG C 33 9.49 -6.08 1.92
C ARG C 33 10.21 -4.73 1.99
N LYS C 34 10.10 -3.97 0.90
CA LYS C 34 10.71 -2.64 0.81
C LYS C 34 10.12 -1.67 1.82
N TYR C 35 8.81 -1.78 2.01
CA TYR C 35 8.09 -0.90 2.92
C TYR C 35 7.95 -1.52 4.30
N ASN C 36 8.45 -2.75 4.42
CA ASN C 36 8.41 -3.52 5.68
C ASN C 36 6.99 -3.55 6.24
N ILE C 37 6.09 -4.18 5.50
CA ILE C 37 4.70 -4.33 5.89
C ILE C 37 4.20 -5.69 5.45
N HIS C 38 2.95 -5.99 5.72
CA HIS C 38 2.38 -7.25 5.29
C HIS C 38 1.85 -7.16 3.88
N ARG C 39 1.91 -8.28 3.21
CA ARG C 39 1.45 -8.37 1.85
C ARG C 39 -0.08 -8.60 1.81
N ARG C 40 -0.72 -8.96 2.96
CA ARG C 40 -2.19 -9.08 2.99
C ARG C 40 -2.79 -7.68 2.88
N GLN C 41 -2.13 -6.68 3.52
CA GLN C 41 -2.59 -5.31 3.51
C GLN C 41 -2.56 -4.64 2.12
N ILE C 42 -1.50 -4.87 1.30
CA ILE C 42 -1.42 -4.31 -0.08
C ILE C 42 -2.57 -4.87 -0.89
N GLN C 43 -2.81 -6.15 -0.70
CA GLN C 43 -3.88 -6.84 -1.34
C GLN C 43 -5.24 -6.34 -0.86
N LYS C 44 -5.35 -6.13 0.44
CA LYS C 44 -6.57 -5.61 1.01
C LYS C 44 -6.85 -4.14 0.62
N TRP C 45 -5.81 -3.29 0.69
CA TRP C 45 -5.99 -1.89 0.33
C TRP C 45 -6.40 -1.81 -1.09
N LEU C 46 -5.97 -2.76 -1.88
CA LEU C 46 -6.33 -2.84 -3.28
C LEU C 46 -7.82 -3.09 -3.41
N GLN C 47 -8.33 -3.87 -2.47
CA GLN C 47 -9.76 -4.18 -2.40
C GLN C 47 -10.51 -2.89 -2.08
N CYS C 48 -9.75 -1.81 -1.81
CA CYS C 48 -10.38 -0.51 -1.49
C CYS C 48 -9.50 0.69 -1.87
N GLU C 49 -8.50 0.50 -2.75
CA GLU C 49 -7.59 1.59 -3.16
C GLU C 49 -8.35 2.77 -3.73
N SER C 50 -9.39 2.44 -4.47
CA SER C 50 -10.26 3.46 -5.03
C SER C 50 -10.84 4.30 -3.89
N ASN C 51 -11.14 3.63 -2.80
CA ASN C 51 -11.66 4.28 -1.60
C ASN C 51 -10.56 5.04 -0.88
N LEU C 52 -9.33 4.55 -1.01
CA LEU C 52 -8.17 5.20 -0.42
C LEU C 52 -7.98 6.58 -1.03
N ARG C 53 -8.22 6.63 -2.33
CA ARG C 53 -8.10 7.85 -3.11
C ARG C 53 -9.06 8.94 -2.64
N SER C 54 -10.32 8.58 -2.44
CA SER C 54 -11.31 9.55 -1.96
C SER C 54 -11.08 9.87 -0.48
N SER C 55 -10.48 8.93 0.24
CA SER C 55 -10.18 9.08 1.67
C SER C 55 -9.02 10.05 1.89
N VAL C 56 -8.06 10.06 0.96
CA VAL C 56 -6.90 10.94 1.07
C VAL C 56 -7.24 12.34 0.55
N ALA C 57 -8.49 12.49 0.07
CA ALA C 57 -8.99 13.75 -0.47
C ALA C 57 -8.41 14.08 -1.84
N ASN C 58 -8.84 15.18 -2.44
CA ASN C 58 -8.35 15.61 -3.74
C ASN C 58 -7.11 16.48 -3.59
N ASN C 59 -7.17 17.42 -2.63
CA ASN C 59 -6.07 18.34 -2.35
C ASN C 59 -5.76 19.21 -3.57
N GLY C 1 0.01 -6.53 21.83
CA GLY C 1 -0.08 -5.18 22.30
C GLY C 1 0.46 -4.23 21.25
N SER C 2 0.28 -4.61 19.96
CA SER C 2 0.76 -3.81 18.84
C SER C 2 0.01 -4.05 17.46
N ARG C 3 -0.53 -2.96 16.88
CA ARG C 3 -1.21 -2.89 15.52
C ARG C 3 -1.06 -1.45 15.14
N ARG C 4 -0.08 -1.15 14.31
CA ARG C 4 0.12 0.20 13.89
C ARG C 4 -0.98 0.58 12.95
N ILE C 5 -1.28 1.85 12.93
CA ILE C 5 -2.36 2.33 12.12
C ILE C 5 -1.87 2.83 10.78
N PHE C 6 -2.47 2.27 9.76
CA PHE C 6 -2.14 2.60 8.39
C PHE C 6 -3.08 3.66 7.86
N THR C 7 -2.46 4.63 7.23
CA THR C 7 -3.17 5.72 6.58
C THR C 7 -3.39 5.40 5.12
N PRO C 8 -4.42 5.97 4.48
CA PRO C 8 -4.65 5.74 3.06
C PRO C 8 -3.48 6.20 2.22
N HIS C 9 -2.84 7.30 2.61
CA HIS C 9 -1.69 7.82 1.88
C HIS C 9 -0.57 6.77 1.90
N PHE C 10 -0.39 6.11 3.06
CA PHE C 10 0.61 5.05 3.19
C PHE C 10 0.21 3.89 2.32
N LYS C 11 -1.06 3.50 2.40
CA LYS C 11 -1.59 2.41 1.60
C LYS C 11 -1.31 2.67 0.14
N LEU C 12 -1.66 3.87 -0.29
CA LEU C 12 -1.44 4.34 -1.63
C LEU C 12 0.04 4.53 -1.89
N GLN C 13 0.81 4.69 -0.83
CA GLN C 13 2.25 4.85 -0.97
C GLN C 13 2.84 3.49 -1.28
N VAL C 14 2.24 2.48 -0.66
CA VAL C 14 2.61 1.10 -0.86
C VAL C 14 2.24 0.72 -2.25
N LEU C 15 0.99 0.98 -2.56
CA LEU C 15 0.42 0.68 -3.86
C LEU C 15 1.15 1.42 -4.98
N GLU C 16 1.41 2.71 -4.76
CA GLU C 16 2.12 3.54 -5.74
C GLU C 16 3.54 3.00 -5.97
N SER C 17 4.28 2.77 -4.87
CA SER C 17 5.61 2.13 -4.95
C SER C 17 5.53 0.79 -5.63
N TYR C 18 4.60 0.00 -5.15
CA TYR C 18 4.30 -1.30 -5.68
C TYR C 18 4.13 -1.23 -7.21
N ARG C 19 3.49 -0.20 -7.65
CA ARG C 19 3.21 -0.01 -9.08
C ARG C 19 4.28 0.73 -9.90
N ASN C 20 5.29 1.35 -9.27
CA ASN C 20 6.25 2.14 -10.04
C ASN C 20 7.70 2.02 -9.55
N ASP C 21 7.87 1.61 -8.30
CA ASP C 21 9.21 1.46 -7.73
C ASP C 21 9.96 0.39 -8.46
N ASN C 22 11.08 0.73 -9.08
CA ASN C 22 11.87 -0.25 -9.79
C ASN C 22 12.25 -1.42 -8.88
N ASP C 23 12.12 -1.20 -7.56
CA ASP C 23 12.49 -2.22 -6.58
C ASP C 23 11.34 -3.21 -6.29
N CYS C 24 10.07 -2.82 -6.49
CA CYS C 24 8.95 -3.72 -6.19
C CYS C 24 7.95 -3.79 -7.31
N LYS C 25 7.86 -2.74 -8.12
CA LYS C 25 6.93 -2.65 -9.25
C LYS C 25 6.66 -4.02 -9.91
N GLY C 26 5.42 -4.44 -9.79
CA GLY C 26 4.99 -5.72 -10.36
C GLY C 26 5.01 -6.85 -9.34
N ASN C 27 5.48 -6.57 -8.13
CA ASN C 27 5.59 -7.56 -7.07
C ASN C 27 5.00 -7.07 -5.76
N GLN C 28 4.24 -7.92 -5.10
CA GLN C 28 3.64 -7.56 -3.82
C GLN C 28 4.56 -7.90 -2.64
N ARG C 29 5.26 -9.04 -2.73
CA ARG C 29 6.14 -9.49 -1.66
C ARG C 29 7.28 -8.46 -1.42
N ALA C 30 7.92 -7.98 -2.51
CA ALA C 30 9.01 -6.99 -2.43
C ALA C 30 8.56 -5.65 -1.84
N THR C 31 7.38 -5.14 -2.23
CA THR C 31 6.90 -3.86 -1.70
C THR C 31 6.65 -3.95 -0.20
N ALA C 32 6.07 -5.07 0.23
CA ALA C 32 5.80 -5.31 1.63
C ALA C 32 7.10 -5.39 2.40
N ARG C 33 8.13 -5.98 1.78
CA ARG C 33 9.44 -6.10 2.40
C ARG C 33 10.12 -4.72 2.54
N LYS C 34 10.07 -3.95 1.46
CA LYS C 34 10.66 -2.60 1.41
C LYS C 34 9.97 -1.66 2.40
N TYR C 35 8.66 -1.82 2.54
CA TYR C 35 7.85 -0.99 3.42
C TYR C 35 7.64 -1.64 4.77
N ASN C 36 8.16 -2.85 4.92
CA ASN C 36 8.08 -3.62 6.16
C ASN C 36 6.62 -3.80 6.61
N ILE C 37 5.84 -4.46 5.76
CA ILE C 37 4.45 -4.73 6.02
C ILE C 37 4.06 -6.08 5.45
N HIS C 38 2.80 -6.43 5.57
CA HIS C 38 2.33 -7.70 5.03
C HIS C 38 1.86 -7.53 3.59
N ARG C 39 1.79 -8.64 2.87
CA ARG C 39 1.36 -8.63 1.49
C ARG C 39 -0.17 -8.84 1.33
N ARG C 40 -0.86 -9.37 2.38
CA ARG C 40 -2.35 -9.50 2.33
C ARG C 40 -2.96 -8.10 2.33
N GLN C 41 -2.29 -7.14 2.97
CA GLN C 41 -2.76 -5.75 3.02
C GLN C 41 -2.68 -5.10 1.63
N ILE C 42 -1.57 -5.29 0.88
CA ILE C 42 -1.43 -4.73 -0.50
C ILE C 42 -2.49 -5.34 -1.39
N GLN C 43 -2.67 -6.64 -1.23
CA GLN C 43 -3.66 -7.39 -1.99
C GLN C 43 -5.08 -6.94 -1.65
N LYS C 44 -5.33 -6.72 -0.37
CA LYS C 44 -6.62 -6.25 0.10
C LYS C 44 -6.88 -4.80 -0.28
N TRP C 45 -5.88 -3.93 -0.09
CA TRP C 45 -6.03 -2.53 -0.43
C TRP C 45 -6.32 -2.44 -1.89
N LEU C 46 -5.77 -3.39 -2.65
CA LEU C 46 -6.01 -3.48 -4.07
C LEU C 46 -7.48 -3.73 -4.34
N GLN C 47 -8.08 -4.54 -3.45
CA GLN C 47 -9.49 -4.87 -3.52
C GLN C 47 -10.31 -3.61 -3.25
N CYS C 48 -9.60 -2.55 -2.92
CA CYS C 48 -10.26 -1.25 -2.64
C CYS C 48 -9.36 -0.05 -2.90
N GLU C 49 -8.31 -0.20 -3.70
CA GLU C 49 -7.37 0.90 -4.01
C GLU C 49 -8.12 2.09 -4.59
N SER C 50 -9.06 1.78 -5.45
CA SER C 50 -9.93 2.80 -6.05
C SER C 50 -10.64 3.59 -4.94
N ASN C 51 -11.02 2.87 -3.87
CA ASN C 51 -11.66 3.46 -2.72
C ASN C 51 -10.65 4.27 -1.90
N LEU C 52 -9.39 3.83 -1.93
CA LEU C 52 -8.30 4.50 -1.22
C LEU C 52 -8.11 5.89 -1.80
N ARG C 53 -8.23 5.96 -3.12
CA ARG C 53 -8.07 7.21 -3.86
C ARG C 53 -9.09 8.24 -3.43
N SER C 54 -10.36 7.85 -3.37
CA SER C 54 -11.41 8.77 -2.94
C SER C 54 -11.34 9.00 -1.43
N SER C 55 -10.73 8.06 -0.71
CA SER C 55 -10.60 8.17 0.75
C SER C 55 -9.52 9.16 1.14
N VAL C 56 -8.61 9.46 0.22
CA VAL C 56 -7.53 10.40 0.48
C VAL C 56 -8.01 11.84 0.28
N ALA C 57 -9.27 11.97 -0.16
CA ALA C 57 -9.90 13.29 -0.42
C ALA C 57 -11.41 13.17 -0.63
N ASN C 58 -12.12 12.76 0.43
CA ASN C 58 -13.58 12.61 0.37
C ASN C 58 -14.25 13.91 0.80
N ASN C 59 -15.20 14.38 -0.01
CA ASN C 59 -15.94 15.61 0.27
C ASN C 59 -15.01 16.82 0.32
N GLY C 1 4.90 -1.48 19.00
CA GLY C 1 3.53 -1.38 18.61
C GLY C 1 3.10 -2.70 17.97
N SER C 2 1.98 -3.27 18.43
CA SER C 2 1.48 -4.56 17.92
C SER C 2 0.75 -4.44 16.54
N ARG C 3 -0.56 -4.09 16.59
CA ARG C 3 -1.42 -3.79 15.38
C ARG C 3 -1.26 -2.30 15.20
N ARG C 4 -0.25 -1.88 14.46
CA ARG C 4 -0.05 -0.46 14.29
C ARG C 4 -1.10 0.10 13.37
N ILE C 5 -1.30 1.40 13.47
CA ILE C 5 -2.32 2.04 12.69
C ILE C 5 -1.79 2.56 11.36
N PHE C 6 -2.44 2.11 10.31
CA PHE C 6 -2.10 2.50 8.96
C PHE C 6 -2.98 3.60 8.46
N THR C 7 -2.34 4.58 7.88
CA THR C 7 -3.03 5.71 7.27
C THR C 7 -3.23 5.47 5.78
N PRO C 8 -4.17 6.18 5.14
CA PRO C 8 -4.38 6.05 3.69
C PRO C 8 -3.14 6.47 2.92
N HIS C 9 -2.44 7.52 3.38
CA HIS C 9 -1.23 7.99 2.71
C HIS C 9 -0.20 6.86 2.72
N PHE C 10 -0.12 6.12 3.84
CA PHE C 10 0.79 4.99 3.93
C PHE C 10 0.34 3.91 2.99
N LYS C 11 -0.96 3.64 3.00
CA LYS C 11 -1.54 2.65 2.12
C LYS C 11 -1.18 2.96 0.68
N LEU C 12 -1.40 4.20 0.33
CA LEU C 12 -1.08 4.72 -0.99
C LEU C 12 0.42 4.80 -1.16
N GLN C 13 1.15 4.85 -0.07
CA GLN C 13 2.58 4.90 -0.13
C GLN C 13 3.10 3.51 -0.49
N VAL C 14 2.39 2.52 0.04
CA VAL C 14 2.67 1.13 -0.23
C VAL C 14 2.34 0.86 -1.66
N LEU C 15 1.12 1.22 -2.00
CA LEU C 15 0.59 1.05 -3.33
C LEU C 15 1.41 1.80 -4.37
N GLU C 16 1.76 3.06 -4.07
CA GLU C 16 2.56 3.89 -4.98
C GLU C 16 3.95 3.25 -5.21
N SER C 17 4.62 2.89 -4.11
CA SER C 17 5.90 2.16 -4.20
C SER C 17 5.75 0.87 -4.96
N TYR C 18 4.75 0.14 -4.55
CA TYR C 18 4.37 -1.11 -5.18
C TYR C 18 4.26 -0.93 -6.69
N ARG C 19 3.73 0.17 -7.10
CA ARG C 19 3.50 0.47 -8.52
C ARG C 19 4.68 1.17 -9.25
N ASN C 20 5.71 1.65 -8.55
CA ASN C 20 6.75 2.42 -9.22
C ASN C 20 8.16 2.16 -8.70
N ASP C 21 8.27 1.71 -7.47
CA ASP C 21 9.57 1.44 -6.87
C ASP C 21 10.27 0.34 -7.63
N ASN C 22 11.44 0.64 -8.18
CA ASN C 22 12.19 -0.36 -8.92
C ASN C 22 12.44 -1.61 -8.05
N ASP C 23 12.26 -1.47 -6.73
CA ASP C 23 12.51 -2.58 -5.80
C ASP C 23 11.28 -3.49 -5.60
N CYS C 24 10.05 -2.99 -5.83
CA CYS C 24 8.86 -3.84 -5.63
C CYS C 24 7.88 -3.76 -6.77
N LYS C 25 7.91 -2.66 -7.52
CA LYS C 25 7.03 -2.43 -8.66
C LYS C 25 6.67 -3.73 -9.42
N GLY C 26 5.39 -4.07 -9.38
CA GLY C 26 4.89 -5.26 -10.04
C GLY C 26 4.82 -6.47 -9.12
N ASN C 27 5.32 -6.31 -7.89
CA ASN C 27 5.34 -7.39 -6.91
C ASN C 27 4.71 -6.99 -5.59
N GLN C 28 3.88 -7.84 -5.03
CA GLN C 28 3.24 -7.53 -3.75
C GLN C 28 4.05 -8.02 -2.54
N ARG C 29 4.67 -9.23 -2.62
CA ARG C 29 5.46 -9.76 -1.49
C ARG C 29 6.62 -8.81 -1.15
N ALA C 30 7.33 -8.34 -2.19
CA ALA C 30 8.47 -7.44 -2.02
C ALA C 30 8.09 -6.11 -1.36
N THR C 31 6.98 -5.51 -1.78
CA THR C 31 6.54 -4.23 -1.19
C THR C 31 6.24 -4.41 0.29
N ALA C 32 5.55 -5.50 0.61
CA ALA C 32 5.19 -5.82 1.98
C ALA C 32 6.45 -6.05 2.80
N ARG C 33 7.45 -6.66 2.17
CA ARG C 33 8.73 -6.91 2.84
C ARG C 33 9.49 -5.62 3.11
N LYS C 34 9.59 -4.77 2.08
CA LYS C 34 10.26 -3.48 2.16
C LYS C 34 9.60 -2.55 3.19
N TYR C 35 8.28 -2.58 3.22
CA TYR C 35 7.51 -1.75 4.11
C TYR C 35 7.17 -2.46 5.40
N ASN C 36 7.58 -3.73 5.48
CA ASN C 36 7.36 -4.57 6.65
C ASN C 36 5.89 -4.62 7.05
N ILE C 37 5.08 -5.14 6.14
CA ILE C 37 3.64 -5.27 6.32
C ILE C 37 3.19 -6.57 5.69
N HIS C 38 1.90 -6.84 5.75
CA HIS C 38 1.37 -8.05 5.15
C HIS C 38 1.06 -7.82 3.68
N ARG C 39 1.08 -8.91 2.94
CA ARG C 39 0.80 -8.85 1.53
C ARG C 39 -0.71 -9.02 1.23
N ARG C 40 -1.55 -9.17 2.28
CA ARG C 40 -3.01 -9.23 2.09
C ARG C 40 -3.54 -7.79 2.03
N GLN C 41 -2.95 -6.90 2.87
CA GLN C 41 -3.34 -5.49 2.94
C GLN C 41 -3.10 -4.74 1.61
N ILE C 42 -1.97 -4.99 0.90
CA ILE C 42 -1.67 -4.35 -0.40
C ILE C 42 -2.71 -4.78 -1.40
N GLN C 43 -3.00 -6.06 -1.35
CA GLN C 43 -4.00 -6.68 -2.20
C GLN C 43 -5.39 -6.16 -1.87
N LYS C 44 -5.69 -6.06 -0.58
CA LYS C 44 -6.97 -5.54 -0.12
C LYS C 44 -7.13 -4.04 -0.42
N TRP C 45 -6.09 -3.24 -0.14
CA TRP C 45 -6.17 -1.80 -0.39
C TRP C 45 -6.39 -1.58 -1.84
N LEU C 46 -5.90 -2.51 -2.64
CA LEU C 46 -6.07 -2.47 -4.08
C LEU C 46 -7.53 -2.61 -4.44
N GLN C 47 -8.21 -3.45 -3.64
CA GLN C 47 -9.62 -3.71 -3.80
C GLN C 47 -10.40 -2.43 -3.45
N CYS C 48 -9.64 -1.42 -2.98
CA CYS C 48 -10.26 -0.13 -2.64
C CYS C 48 -9.29 1.06 -2.76
N GLU C 49 -8.21 0.91 -3.54
CA GLU C 49 -7.22 1.98 -3.71
C GLU C 49 -7.85 3.26 -4.22
N SER C 50 -8.80 3.07 -5.13
CA SER C 50 -9.56 4.20 -5.67
C SER C 50 -10.25 4.94 -4.53
N ASN C 51 -10.70 4.17 -3.53
CA ASN C 51 -11.35 4.71 -2.35
C ASN C 51 -10.33 5.38 -1.44
N LEU C 52 -9.09 4.86 -1.48
CA LEU C 52 -7.99 5.42 -0.69
C LEU C 52 -7.71 6.85 -1.14
N ARG C 53 -7.78 7.03 -2.44
CA ARG C 53 -7.55 8.31 -3.09
C ARG C 53 -8.53 9.37 -2.62
N SER C 54 -9.81 9.02 -2.61
CA SER C 54 -10.83 9.97 -2.16
C SER C 54 -10.81 10.10 -0.63
N SER C 55 -10.27 9.08 0.04
CA SER C 55 -10.19 9.06 1.50
C SER C 55 -9.14 10.05 2.01
N VAL C 56 -8.09 10.25 1.21
CA VAL C 56 -7.01 11.16 1.58
C VAL C 56 -7.38 12.61 1.22
N ALA C 57 -8.64 12.79 0.78
CA ALA C 57 -9.17 14.10 0.38
C ALA C 57 -8.65 14.55 -0.99
N ASN C 58 -9.23 14.01 -2.05
CA ASN C 58 -8.82 14.35 -3.41
C ASN C 58 -9.66 15.52 -3.94
N ASN C 59 -8.98 16.63 -4.25
CA ASN C 59 -9.64 17.83 -4.77
C ASN C 59 -10.62 18.41 -3.74
N GLY C 1 0.91 -9.25 17.04
CA GLY C 1 -0.21 -8.79 16.27
C GLY C 1 -0.27 -7.27 16.28
N SER C 2 0.72 -6.64 15.63
CA SER C 2 0.80 -5.18 15.58
C SER C 2 -0.17 -4.48 14.58
N ARG C 3 -1.23 -3.84 15.15
CA ARG C 3 -2.23 -2.98 14.41
C ARG C 3 -1.63 -1.60 14.44
N ARG C 4 -0.73 -1.32 13.53
CA ARG C 4 -0.11 -0.03 13.52
C ARG C 4 -1.01 0.96 12.83
N ILE C 5 -0.57 2.19 12.86
CA ILE C 5 -1.35 3.25 12.28
C ILE C 5 -0.97 3.53 10.85
N PHE C 6 -1.77 2.96 9.98
CA PHE C 6 -1.60 3.10 8.55
C PHE C 6 -2.52 4.14 7.99
N THR C 7 -1.93 5.08 7.32
CA THR C 7 -2.67 6.14 6.65
C THR C 7 -3.00 5.73 5.22
N PRO C 8 -4.09 6.23 4.63
CA PRO C 8 -4.43 5.90 3.24
C PRO C 8 -3.33 6.34 2.29
N HIS C 9 -2.70 7.49 2.56
CA HIS C 9 -1.61 7.98 1.70
C HIS C 9 -0.47 6.97 1.70
N PHE C 10 -0.20 6.37 2.88
CA PHE C 10 0.84 5.34 2.99
C PHE C 10 0.41 4.13 2.21
N LYS C 11 -0.84 3.74 2.41
CA LYS C 11 -1.40 2.60 1.70
C LYS C 11 -1.23 2.79 0.21
N LEU C 12 -1.62 3.96 -0.24
CA LEU C 12 -1.50 4.35 -1.63
C LEU C 12 -0.06 4.55 -1.99
N GLN C 13 0.78 4.79 -1.00
CA GLN C 13 2.19 4.97 -1.24
C GLN C 13 2.80 3.61 -1.52
N VAL C 14 2.28 2.61 -0.80
CA VAL C 14 2.67 1.24 -0.96
C VAL C 14 2.22 0.77 -2.30
N LEU C 15 0.93 0.97 -2.53
CA LEU C 15 0.28 0.61 -3.76
C LEU C 15 0.91 1.32 -4.97
N GLU C 16 1.16 2.62 -4.84
CA GLU C 16 1.76 3.40 -5.91
C GLU C 16 3.17 2.89 -6.23
N SER C 17 4.01 2.73 -5.18
CA SER C 17 5.34 2.12 -5.34
C SER C 17 5.25 0.75 -5.94
N TYR C 18 4.38 -0.03 -5.37
CA TYR C 18 4.07 -1.36 -5.81
C TYR C 18 3.78 -1.38 -7.31
N ARG C 19 3.09 -0.38 -7.75
CA ARG C 19 2.69 -0.27 -9.16
C ARG C 19 3.69 0.46 -10.09
N ASN C 20 4.74 1.10 -9.57
CA ASN C 20 5.62 1.88 -10.44
C ASN C 20 7.09 1.82 -10.06
N ASP C 21 7.38 1.51 -8.80
CA ASP C 21 8.76 1.43 -8.33
C ASP C 21 9.49 0.33 -9.06
N ASN C 22 10.56 0.68 -9.76
CA ASN C 22 11.33 -0.32 -10.48
C ASN C 22 11.80 -1.43 -9.53
N ASP C 23 11.74 -1.16 -8.22
CA ASP C 23 12.20 -2.13 -7.22
C ASP C 23 11.11 -3.12 -6.79
N CYS C 24 9.82 -2.77 -6.92
CA CYS C 24 8.75 -3.70 -6.50
C CYS C 24 7.65 -3.84 -7.52
N LYS C 25 7.47 -2.83 -8.36
CA LYS C 25 6.45 -2.81 -9.42
C LYS C 25 6.16 -4.22 -9.98
N GLY C 26 4.91 -4.64 -9.80
CA GLY C 26 4.47 -5.94 -10.27
C GLY C 26 4.60 -7.04 -9.22
N ASN C 27 5.21 -6.70 -8.08
CA ASN C 27 5.43 -7.64 -6.99
C ASN C 27 4.96 -7.11 -5.65
N GLN C 28 4.29 -7.95 -4.88
CA GLN C 28 3.82 -7.54 -3.55
C GLN C 28 4.84 -7.85 -2.45
N ARG C 29 5.57 -8.97 -2.59
CA ARG C 29 6.56 -9.38 -1.59
C ARG C 29 7.67 -8.31 -1.47
N ALA C 30 8.16 -7.80 -2.61
CA ALA C 30 9.22 -6.76 -2.65
C ALA C 30 8.77 -5.42 -2.07
N THR C 31 7.54 -4.98 -2.35
CA THR C 31 7.06 -3.70 -1.83
C THR C 31 6.91 -3.74 -0.33
N ALA C 32 6.36 -4.85 0.16
CA ALA C 32 6.18 -5.05 1.59
C ALA C 32 7.53 -5.07 2.29
N ARG C 33 8.51 -5.67 1.65
CA ARG C 33 9.87 -5.72 2.20
C ARG C 33 10.52 -4.34 2.23
N LYS C 34 10.38 -3.61 1.13
CA LYS C 34 10.94 -2.26 0.99
C LYS C 34 10.31 -1.29 1.98
N TYR C 35 9.00 -1.43 2.17
CA TYR C 35 8.24 -0.57 3.05
C TYR C 35 8.12 -1.15 4.45
N ASN C 36 8.63 -2.37 4.60
CA ASN C 36 8.63 -3.09 5.88
C ASN C 36 7.20 -3.27 6.41
N ILE C 37 6.40 -4.00 5.64
CA ILE C 37 5.02 -4.28 6.00
C ILE C 37 4.66 -5.68 5.54
N HIS C 38 3.42 -6.08 5.77
CA HIS C 38 2.96 -7.39 5.33
C HIS C 38 2.34 -7.30 3.95
N ARG C 39 2.22 -8.46 3.30
CA ARG C 39 1.65 -8.53 1.97
C ARG C 39 0.13 -8.79 2.00
N ARG C 40 -0.46 -9.14 3.17
CA ARG C 40 -1.94 -9.29 3.26
C ARG C 40 -2.56 -7.91 3.17
N GLN C 41 -1.85 -6.89 3.70
CA GLN C 41 -2.33 -5.51 3.67
C GLN C 41 -2.32 -4.94 2.24
N ILE C 42 -1.25 -5.17 1.44
CA ILE C 42 -1.22 -4.69 0.02
C ILE C 42 -2.31 -5.36 -0.77
N GLN C 43 -2.53 -6.63 -0.47
CA GLN C 43 -3.56 -7.41 -1.11
C GLN C 43 -4.95 -6.94 -0.69
N LYS C 44 -5.10 -6.63 0.59
CA LYS C 44 -6.37 -6.14 1.14
C LYS C 44 -6.66 -4.72 0.68
N TRP C 45 -5.65 -3.84 0.73
CA TRP C 45 -5.84 -2.47 0.30
C TRP C 45 -6.22 -2.47 -1.14
N LEU C 46 -5.77 -3.49 -1.84
CA LEU C 46 -6.11 -3.68 -3.24
C LEU C 46 -7.58 -3.95 -3.38
N GLN C 47 -8.10 -4.70 -2.42
CA GLN C 47 -9.53 -5.04 -2.36
C GLN C 47 -10.33 -3.77 -2.13
N CYS C 48 -9.61 -2.67 -1.90
CA CYS C 48 -10.28 -1.40 -1.65
C CYS C 48 -9.42 -0.18 -2.08
N GLU C 49 -8.42 -0.40 -2.94
CA GLU C 49 -7.55 0.69 -3.40
C GLU C 49 -8.34 1.81 -4.03
N SER C 50 -9.34 1.41 -4.79
CA SER C 50 -10.26 2.36 -5.43
C SER C 50 -10.90 3.23 -4.34
N ASN C 51 -11.20 2.59 -3.22
CA ASN C 51 -11.78 3.28 -2.06
C ASN C 51 -10.73 4.14 -1.38
N LEU C 52 -9.46 3.71 -1.46
CA LEU C 52 -8.35 4.46 -0.87
C LEU C 52 -8.22 5.81 -1.56
N ARG C 53 -8.43 5.78 -2.87
CA ARG C 53 -8.35 6.96 -3.72
C ARG C 53 -9.36 8.00 -3.31
N SER C 54 -10.62 7.59 -3.13
CA SER C 54 -11.66 8.52 -2.71
C SER C 54 -11.46 8.95 -1.26
N SER C 55 -10.77 8.11 -0.48
CA SER C 55 -10.51 8.39 0.94
C SER C 55 -9.45 9.49 1.10
N VAL C 56 -8.44 9.47 0.22
CA VAL C 56 -7.38 10.47 0.27
C VAL C 56 -7.79 11.75 -0.45
N ALA C 57 -9.02 11.74 -0.99
CA ALA C 57 -9.59 12.87 -1.72
C ALA C 57 -8.87 13.11 -3.06
N ASN C 58 -9.29 12.39 -4.09
CA ASN C 58 -8.70 12.53 -5.42
C ASN C 58 -9.73 12.23 -6.50
N ASN C 59 -10.47 11.12 -6.32
CA ASN C 59 -11.50 10.71 -7.27
C ASN C 59 -10.89 10.40 -8.64
N GLY C 1 4.63 -6.56 18.12
CA GLY C 1 4.16 -5.83 19.27
C GLY C 1 2.72 -5.43 19.04
N SER C 2 2.47 -4.14 18.83
CA SER C 2 1.10 -3.64 18.61
C SER C 2 0.56 -3.74 17.15
N ARG C 3 -0.76 -3.47 17.01
CA ARG C 3 -1.48 -3.34 15.69
C ARG C 3 -1.32 -1.88 15.37
N ARG C 4 -0.32 -1.56 14.59
CA ARG C 4 -0.11 -0.17 14.27
C ARG C 4 -1.17 0.30 13.32
N ILE C 5 -1.40 1.58 13.37
CA ILE C 5 -2.45 2.17 12.56
C ILE C 5 -1.92 2.70 11.25
N PHE C 6 -2.48 2.13 10.19
CA PHE C 6 -2.14 2.50 8.85
C PHE C 6 -3.03 3.60 8.31
N THR C 7 -2.40 4.58 7.76
CA THR C 7 -3.09 5.71 7.14
C THR C 7 -3.33 5.44 5.67
N PRO C 8 -4.35 6.09 5.05
CA PRO C 8 -4.60 5.92 3.62
C PRO C 8 -3.44 6.40 2.78
N HIS C 9 -2.78 7.48 3.21
CA HIS C 9 -1.62 7.99 2.48
C HIS C 9 -0.51 6.93 2.48
N PHE C 10 -0.36 6.23 3.61
CA PHE C 10 0.62 5.15 3.71
C PHE C 10 0.21 4.03 2.81
N LYS C 11 -1.08 3.68 2.89
CA LYS C 11 -1.63 2.63 2.05
C LYS C 11 -1.35 2.93 0.60
N LEU C 12 -1.66 4.16 0.22
CA LEU C 12 -1.42 4.66 -1.12
C LEU C 12 0.06 4.82 -1.37
N GLN C 13 0.84 4.93 -0.31
CA GLN C 13 2.27 5.07 -0.45
C GLN C 13 2.84 3.71 -0.80
N VAL C 14 2.23 2.71 -0.21
CA VAL C 14 2.57 1.32 -0.47
C VAL C 14 2.20 0.99 -1.87
N LEU C 15 0.94 1.27 -2.17
CA LEU C 15 0.35 1.03 -3.45
C LEU C 15 1.09 1.80 -4.56
N GLU C 16 1.39 3.08 -4.30
CA GLU C 16 2.11 3.93 -5.26
C GLU C 16 3.51 3.36 -5.53
N SER C 17 4.26 3.07 -4.46
CA SER C 17 5.57 2.41 -4.57
C SER C 17 5.45 1.10 -5.30
N TYR C 18 4.51 0.33 -4.85
CA TYR C 18 4.16 -0.94 -5.43
C TYR C 18 3.97 -0.81 -6.94
N ARG C 19 3.36 0.26 -7.34
CA ARG C 19 3.06 0.51 -8.76
C ARG C 19 4.17 1.26 -9.56
N ASN C 20 5.21 1.78 -8.90
CA ASN C 20 6.19 2.60 -9.64
C ASN C 20 7.63 2.44 -9.17
N ASP C 21 7.81 2.02 -7.94
CA ASP C 21 9.16 1.84 -7.39
C ASP C 21 9.89 0.77 -8.16
N ASN C 22 11.01 1.11 -8.75
CA ASN C 22 11.80 0.14 -9.50
C ASN C 22 12.15 -1.06 -8.61
N ASP C 23 12.01 -0.90 -7.29
CA ASP C 23 12.34 -1.97 -6.35
C ASP C 23 11.19 -2.94 -6.08
N CYS C 24 9.91 -2.52 -6.25
CA CYS C 24 8.78 -3.43 -5.96
C CYS C 24 7.74 -3.42 -7.06
N LYS C 25 7.70 -2.35 -7.85
CA LYS C 25 6.76 -2.19 -8.96
C LYS C 25 6.45 -3.53 -9.67
N GLY C 26 5.19 -3.92 -9.61
CA GLY C 26 4.74 -5.16 -10.21
C GLY C 26 4.76 -6.35 -9.27
N ASN C 27 5.27 -6.14 -8.05
CA ASN C 27 5.37 -7.20 -7.04
C ASN C 27 4.79 -6.79 -5.70
N GLN C 28 4.03 -7.68 -5.09
CA GLN C 28 3.45 -7.37 -3.77
C GLN C 28 4.37 -7.78 -2.59
N ARG C 29 5.05 -8.93 -2.68
CA ARG C 29 5.92 -9.39 -1.59
C ARG C 29 7.03 -8.36 -1.33
N ALA C 30 7.67 -7.88 -2.42
CA ALA C 30 8.75 -6.90 -2.34
C ALA C 30 8.33 -5.60 -1.69
N THR C 31 7.16 -5.07 -2.05
CA THR C 31 6.68 -3.81 -1.47
C THR C 31 6.47 -3.95 0.02
N ALA C 32 5.88 -5.07 0.41
CA ALA C 32 5.62 -5.36 1.82
C ALA C 32 6.93 -5.51 2.56
N ARG C 33 7.95 -6.06 1.89
CA ARG C 33 9.27 -6.23 2.49
C ARG C 33 9.96 -4.87 2.71
N LYS C 34 9.94 -4.04 1.66
CA LYS C 34 10.54 -2.70 1.68
C LYS C 34 9.88 -1.82 2.75
N TYR C 35 8.56 -1.89 2.80
CA TYR C 35 7.79 -1.09 3.73
C TYR C 35 7.52 -1.81 5.04
N ASN C 36 8.01 -3.05 5.11
CA ASN C 36 7.88 -3.89 6.30
C ASN C 36 6.43 -3.99 6.78
N ILE C 37 5.60 -4.58 5.92
CA ILE C 37 4.19 -4.77 6.20
C ILE C 37 3.75 -6.11 5.63
N HIS C 38 2.48 -6.43 5.76
CA HIS C 38 1.98 -7.66 5.21
C HIS C 38 1.54 -7.48 3.76
N ARG C 39 1.58 -8.58 3.02
CA ARG C 39 1.21 -8.55 1.62
C ARG C 39 -0.30 -8.81 1.43
N ARG C 40 -1.03 -9.21 2.51
CA ARG C 40 -2.49 -9.36 2.41
C ARG C 40 -3.11 -7.96 2.39
N GLN C 41 -2.47 -7.01 3.09
CA GLN C 41 -2.92 -5.61 3.17
C GLN C 41 -2.81 -4.88 1.81
N ILE C 42 -1.69 -5.06 1.04
CA ILE C 42 -1.55 -4.42 -0.29
C ILE C 42 -2.60 -4.94 -1.21
N GLN C 43 -2.81 -6.24 -1.13
CA GLN C 43 -3.81 -6.93 -1.90
C GLN C 43 -5.21 -6.46 -1.53
N LYS C 44 -5.46 -6.34 -0.23
CA LYS C 44 -6.74 -5.86 0.26
C LYS C 44 -6.98 -4.37 -0.09
N TRP C 45 -5.97 -3.53 0.13
CA TRP C 45 -6.12 -2.11 -0.17
C TRP C 45 -6.39 -1.96 -1.62
N LEU C 46 -5.85 -2.85 -2.41
CA LEU C 46 -6.07 -2.87 -3.83
C LEU C 46 -7.54 -3.07 -4.14
N GLN C 47 -8.16 -3.90 -3.30
CA GLN C 47 -9.57 -4.20 -3.39
C GLN C 47 -10.38 -2.94 -3.07
N CYS C 48 -9.65 -1.88 -2.68
CA CYS C 48 -10.32 -0.60 -2.38
C CYS C 48 -9.40 0.61 -2.59
N GLU C 49 -8.31 0.45 -3.37
CA GLU C 49 -7.37 1.55 -3.63
C GLU C 49 -8.07 2.76 -4.20
N SER C 50 -9.01 2.50 -5.08
CA SER C 50 -9.82 3.57 -5.66
C SER C 50 -10.54 4.33 -4.56
N ASN C 51 -10.99 3.60 -3.56
CA ASN C 51 -11.65 4.17 -2.40
C ASN C 51 -10.63 4.89 -1.51
N LEU C 52 -9.38 4.41 -1.52
CA LEU C 52 -8.30 5.01 -0.74
C LEU C 52 -8.05 6.43 -1.25
N ARG C 53 -8.11 6.55 -2.57
CA ARG C 53 -7.89 7.82 -3.26
C ARG C 53 -8.90 8.87 -2.83
N SER C 54 -10.18 8.51 -2.82
CA SER C 54 -11.23 9.44 -2.40
C SER C 54 -11.20 9.64 -0.88
N SER C 55 -10.72 8.63 -0.16
CA SER C 55 -10.63 8.67 1.30
C SER C 55 -9.50 9.59 1.76
N VAL C 56 -8.43 9.64 0.98
CA VAL C 56 -7.27 10.47 1.31
C VAL C 56 -7.52 11.92 0.89
N ALA C 57 -8.38 12.09 -0.13
CA ALA C 57 -8.74 13.41 -0.66
C ALA C 57 -7.59 14.07 -1.43
N ASN C 58 -6.54 14.47 -0.70
CA ASN C 58 -5.38 15.11 -1.30
C ASN C 58 -4.12 14.81 -0.49
N ASN C 59 -3.08 14.34 -1.18
CA ASN C 59 -1.80 14.01 -0.55
C ASN C 59 -1.97 12.84 0.43
N GLY C 1 0.55 -1.12 22.11
CA GLY C 1 1.84 -1.68 21.78
C GLY C 1 1.84 -2.21 20.36
N SER C 2 1.25 -3.39 20.17
CA SER C 2 1.19 -4.05 18.85
C SER C 2 0.01 -3.57 17.95
N ARG C 3 0.11 -3.90 16.63
CA ARG C 3 -0.90 -3.59 15.56
C ARG C 3 -0.74 -2.15 15.24
N ARG C 4 0.24 -1.85 14.41
CA ARG C 4 0.49 -0.50 14.05
C ARG C 4 -0.61 -0.06 13.12
N ILE C 5 -0.86 1.21 13.14
CA ILE C 5 -1.93 1.76 12.36
C ILE C 5 -1.42 2.33 11.06
N PHE C 6 -1.96 1.77 10.02
CA PHE C 6 -1.63 2.13 8.68
C PHE C 6 -2.51 3.26 8.19
N THR C 7 -1.85 4.24 7.61
CA THR C 7 -2.52 5.39 7.02
C THR C 7 -2.82 5.14 5.55
N PRO C 8 -3.91 5.72 5.00
CA PRO C 8 -4.23 5.53 3.59
C PRO C 8 -3.11 6.03 2.68
N HIS C 9 -2.42 7.10 3.08
CA HIS C 9 -1.30 7.61 2.30
C HIS C 9 -0.20 6.57 2.25
N PHE C 10 0.04 5.88 3.39
CA PHE C 10 1.05 4.82 3.45
C PHE C 10 0.61 3.67 2.57
N LYS C 11 -0.65 3.29 2.73
CA LYS C 11 -1.23 2.22 1.93
C LYS C 11 -1.03 2.51 0.46
N LEU C 12 -1.39 3.71 0.08
CA LEU C 12 -1.25 4.21 -1.28
C LEU C 12 0.22 4.40 -1.61
N GLN C 13 1.05 4.55 -0.59
CA GLN C 13 2.48 4.71 -0.81
C GLN C 13 3.04 3.37 -1.19
N VAL C 14 2.48 2.35 -0.55
CA VAL C 14 2.83 0.97 -0.78
C VAL C 14 2.38 0.61 -2.16
N LEU C 15 1.11 0.86 -2.40
CA LEU C 15 0.47 0.59 -3.67
C LEU C 15 1.14 1.35 -4.82
N GLU C 16 1.45 2.64 -4.59
CA GLU C 16 2.10 3.48 -5.59
C GLU C 16 3.49 2.94 -5.91
N SER C 17 4.30 2.71 -4.86
CA SER C 17 5.61 2.05 -5.02
C SER C 17 5.48 0.72 -5.72
N TYR C 18 4.56 -0.06 -5.21
CA TYR C 18 4.22 -1.35 -5.75
C TYR C 18 3.97 -1.26 -7.26
N ARG C 19 3.30 -0.20 -7.66
CA ARG C 19 2.94 0.03 -9.05
C ARG C 19 3.98 0.79 -9.93
N ASN C 20 5.04 1.35 -9.34
CA ASN C 20 5.97 2.16 -10.14
C ASN C 20 7.42 2.04 -9.73
N ASP C 21 7.67 1.60 -8.50
CA ASP C 21 9.04 1.45 -8.02
C ASP C 21 9.76 0.38 -8.81
N ASN C 22 10.84 0.75 -9.46
CA ASN C 22 11.60 -0.22 -10.24
C ASN C 22 12.02 -1.41 -9.37
N ASP C 23 11.95 -1.22 -8.04
CA ASP C 23 12.35 -2.26 -7.10
C ASP C 23 11.23 -3.25 -6.75
N CYS C 24 9.96 -2.85 -6.86
CA CYS C 24 8.86 -3.76 -6.52
C CYS C 24 7.77 -3.79 -7.57
N LYS C 25 7.67 -2.73 -8.37
CA LYS C 25 6.67 -2.63 -9.44
C LYS C 25 6.35 -3.98 -10.09
N GLY C 26 5.10 -4.38 -9.95
CA GLY C 26 4.64 -5.65 -10.50
C GLY C 26 4.70 -6.80 -9.50
N ASN C 27 5.27 -6.54 -8.32
CA ASN C 27 5.44 -7.55 -7.28
C ASN C 27 4.94 -7.09 -5.92
N GLN C 28 4.20 -7.95 -5.23
CA GLN C 28 3.70 -7.60 -3.90
C GLN C 28 4.68 -8.00 -2.79
N ARG C 29 5.37 -9.13 -2.98
CA ARG C 29 6.30 -9.63 -1.98
C ARG C 29 7.46 -8.60 -1.77
N ALA C 30 8.03 -8.09 -2.87
CA ALA C 30 9.12 -7.10 -2.84
C ALA C 30 8.73 -5.77 -2.19
N THR C 31 7.53 -5.25 -2.50
CA THR C 31 7.08 -3.97 -1.93
C THR C 31 6.92 -4.08 -0.41
N ALA C 32 6.35 -5.19 0.02
CA ALA C 32 6.15 -5.45 1.44
C ALA C 32 7.48 -5.54 2.13
N ARG C 33 8.45 -6.16 1.47
CA ARG C 33 9.80 -6.29 2.02
C ARG C 33 10.49 -4.93 2.14
N LYS C 34 10.37 -4.13 1.09
CA LYS C 34 10.97 -2.78 1.03
C LYS C 34 10.34 -1.87 2.09
N TYR C 35 9.02 -1.99 2.27
CA TYR C 35 8.29 -1.18 3.21
C TYR C 35 8.11 -1.86 4.56
N ASN C 36 8.65 -3.07 4.65
CA ASN C 36 8.60 -3.88 5.88
C ASN C 36 7.17 -4.10 6.38
N ILE C 37 6.38 -4.77 5.55
CA ILE C 37 5.00 -5.08 5.85
C ILE C 37 4.63 -6.44 5.27
N HIS C 38 3.36 -6.79 5.37
CA HIS C 38 2.88 -8.05 4.82
C HIS C 38 2.30 -7.85 3.42
N ARG C 39 2.10 -8.95 2.69
CA ARG C 39 1.55 -8.87 1.35
C ARG C 39 0.02 -9.11 1.31
N ARG C 40 -0.60 -9.48 2.47
CA ARG C 40 -2.09 -9.63 2.54
C ARG C 40 -2.71 -8.25 2.58
N GLN C 41 -2.01 -7.29 3.23
CA GLN C 41 -2.48 -5.91 3.32
C GLN C 41 -2.44 -5.23 1.92
N ILE C 42 -1.36 -5.42 1.14
CA ILE C 42 -1.27 -4.84 -0.24
C ILE C 42 -2.39 -5.42 -1.09
N GLN C 43 -2.62 -6.71 -0.92
CA GLN C 43 -3.66 -7.41 -1.65
C GLN C 43 -5.05 -6.93 -1.25
N LYS C 44 -5.25 -6.75 0.05
CA LYS C 44 -6.51 -6.26 0.60
C LYS C 44 -6.74 -4.79 0.24
N TRP C 45 -5.70 -3.96 0.38
CA TRP C 45 -5.82 -2.56 0.07
C TRP C 45 -6.19 -2.44 -1.37
N LEU C 46 -5.67 -3.34 -2.16
CA LEU C 46 -5.99 -3.40 -3.58
C LEU C 46 -7.47 -3.64 -3.78
N GLN C 47 -8.03 -4.45 -2.87
CA GLN C 47 -9.46 -4.76 -2.87
C GLN C 47 -10.25 -3.51 -2.56
N CYS C 48 -9.52 -2.45 -2.24
CA CYS C 48 -10.16 -1.17 -1.92
C CYS C 48 -9.26 0.04 -2.22
N GLU C 49 -8.24 -0.14 -3.07
CA GLU C 49 -7.32 0.96 -3.41
C GLU C 49 -8.07 2.16 -3.95
N SER C 50 -9.06 1.86 -4.76
CA SER C 50 -9.96 2.89 -5.31
C SER C 50 -10.61 3.67 -4.16
N ASN C 51 -10.96 2.95 -3.10
CA ASN C 51 -11.54 3.54 -1.90
C ASN C 51 -10.48 4.32 -1.14
N LEU C 52 -9.23 3.86 -1.21
CA LEU C 52 -8.11 4.52 -0.54
C LEU C 52 -7.93 5.91 -1.10
N ARG C 53 -8.08 6.01 -2.42
CA ARG C 53 -7.95 7.25 -3.16
C ARG C 53 -8.93 8.30 -2.67
N SER C 54 -10.20 7.91 -2.56
CA SER C 54 -11.22 8.84 -2.08
C SER C 54 -11.03 9.13 -0.58
N SER C 55 -10.50 8.15 0.16
CA SER C 55 -10.25 8.31 1.60
C SER C 55 -9.09 9.25 1.87
N VAL C 56 -8.13 9.29 0.94
CA VAL C 56 -6.97 10.15 1.09
C VAL C 56 -7.26 11.55 0.58
N ALA C 57 -8.41 11.70 -0.10
CA ALA C 57 -8.87 12.98 -0.67
C ALA C 57 -8.12 13.34 -1.96
N ASN C 58 -6.82 13.56 -1.85
CA ASN C 58 -5.99 13.92 -2.99
C ASN C 58 -4.55 13.43 -2.78
N ASN C 59 -4.20 13.20 -1.51
CA ASN C 59 -2.86 12.72 -1.14
C ASN C 59 -1.80 13.79 -1.44
N GLY C 1 3.89 -4.64 16.21
CA GLY C 1 2.98 -5.13 15.22
C GLY C 1 1.56 -5.15 15.75
N SER C 2 0.95 -6.34 15.81
CA SER C 2 -0.42 -6.51 16.33
C SER C 2 -1.50 -5.84 15.42
N ARG C 3 -1.62 -4.50 15.55
CA ARG C 3 -2.51 -3.60 14.74
C ARG C 3 -1.80 -2.28 14.79
N ARG C 4 -0.89 -2.05 13.85
CA ARG C 4 -0.15 -0.82 13.87
C ARG C 4 -0.99 0.28 13.28
N ILE C 5 -0.48 1.47 13.38
CA ILE C 5 -1.21 2.62 12.92
C ILE C 5 -0.83 2.99 11.50
N PHE C 6 -1.64 2.50 10.59
CA PHE C 6 -1.46 2.73 9.18
C PHE C 6 -2.34 3.86 8.69
N THR C 7 -1.69 4.80 8.07
CA THR C 7 -2.38 5.94 7.46
C THR C 7 -2.72 5.65 6.01
N PRO C 8 -3.78 6.28 5.44
CA PRO C 8 -4.11 6.07 4.03
C PRO C 8 -2.99 6.52 3.12
N HIS C 9 -2.30 7.60 3.48
CA HIS C 9 -1.18 8.09 2.66
C HIS C 9 -0.11 7.00 2.61
N PHE C 10 0.12 6.32 3.74
CA PHE C 10 1.10 5.23 3.79
C PHE C 10 0.61 4.09 2.92
N LYS C 11 -0.67 3.76 3.08
CA LYS C 11 -1.28 2.70 2.29
C LYS C 11 -1.09 2.98 0.82
N LEU C 12 -1.40 4.20 0.45
CA LEU C 12 -1.26 4.68 -0.91
C LEU C 12 0.21 4.82 -1.25
N GLN C 13 1.05 4.94 -0.23
CA GLN C 13 2.48 5.06 -0.46
C GLN C 13 3.00 3.70 -0.84
N VAL C 14 2.41 2.69 -0.20
CA VAL C 14 2.72 1.31 -0.45
C VAL C 14 2.24 0.97 -1.83
N LEU C 15 0.98 1.27 -2.05
CA LEU C 15 0.33 1.02 -3.30
C LEU C 15 1.01 1.76 -4.45
N GLU C 16 1.34 3.04 -4.23
CA GLU C 16 2.01 3.87 -5.24
C GLU C 16 3.39 3.28 -5.59
N SER C 17 4.20 3.00 -4.55
CA SER C 17 5.49 2.32 -4.73
C SER C 17 5.32 0.99 -5.42
N TYR C 18 4.39 0.25 -4.90
CA TYR C 18 4.00 -1.04 -5.44
C TYR C 18 3.74 -0.93 -6.94
N ARG C 19 3.12 0.14 -7.33
CA ARG C 19 2.75 0.37 -8.73
C ARG C 19 3.79 1.10 -9.60
N ASN C 20 4.86 1.63 -9.02
CA ASN C 20 5.82 2.41 -9.83
C ASN C 20 7.26 2.24 -9.45
N ASP C 21 7.51 1.81 -8.22
CA ASP C 21 8.88 1.61 -7.75
C ASP C 21 9.56 0.52 -8.54
N ASN C 22 10.65 0.86 -9.21
CA ASN C 22 11.37 -0.14 -9.99
C ASN C 22 11.76 -1.33 -9.11
N ASP C 23 11.71 -1.14 -7.79
CA ASP C 23 12.09 -2.20 -6.86
C ASP C 23 10.94 -3.16 -6.50
N CYS C 24 9.67 -2.71 -6.61
CA CYS C 24 8.54 -3.59 -6.26
C CYS C 24 7.44 -3.59 -7.30
N LYS C 25 7.37 -2.52 -8.08
CA LYS C 25 6.36 -2.38 -9.14
C LYS C 25 6.00 -3.71 -9.82
N GLY C 26 4.75 -4.10 -9.65
CA GLY C 26 4.26 -5.35 -10.22
C GLY C 26 4.31 -6.52 -9.26
N ASN C 27 4.93 -6.31 -8.09
CA ASN C 27 5.09 -7.35 -7.08
C ASN C 27 4.59 -6.91 -5.71
N GLN C 28 3.87 -7.77 -5.02
CA GLN C 28 3.37 -7.44 -3.69
C GLN C 28 4.36 -7.82 -2.56
N ARG C 29 5.03 -8.98 -2.68
CA ARG C 29 5.98 -9.42 -1.64
C ARG C 29 7.12 -8.39 -1.48
N ALA C 30 7.67 -7.93 -2.62
CA ALA C 30 8.77 -6.96 -2.62
C ALA C 30 8.40 -5.65 -1.95
N THR C 31 7.20 -5.13 -2.22
CA THR C 31 6.76 -3.86 -1.61
C THR C 31 6.63 -4.01 -0.10
N ALA C 32 6.05 -5.13 0.31
CA ALA C 32 5.86 -5.42 1.72
C ALA C 32 7.21 -5.56 2.39
N ARG C 33 8.17 -6.13 1.68
CA ARG C 33 9.52 -6.31 2.21
C ARG C 33 10.22 -4.96 2.37
N LYS C 34 10.15 -4.14 1.32
CA LYS C 34 10.76 -2.80 1.30
C LYS C 34 10.15 -1.90 2.37
N TYR C 35 8.83 -1.99 2.51
CA TYR C 35 8.10 -1.18 3.46
C TYR C 35 7.93 -1.87 4.79
N ASN C 36 8.42 -3.10 4.87
CA ASN C 36 8.37 -3.93 6.08
C ASN C 36 6.96 -3.99 6.65
N ILE C 37 6.06 -4.55 5.84
CA ILE C 37 4.67 -4.72 6.21
C ILE C 37 4.17 -6.05 5.68
N HIS C 38 2.90 -6.33 5.88
CA HIS C 38 2.32 -7.58 5.39
C HIS C 38 1.84 -7.43 3.96
N ARG C 39 1.90 -8.53 3.22
CA ARG C 39 1.48 -8.54 1.85
C ARG C 39 -0.04 -8.76 1.70
N ARG C 40 -0.73 -9.18 2.81
CA ARG C 40 -2.19 -9.32 2.78
C ARG C 40 -2.82 -7.91 2.78
N GLN C 41 -2.14 -6.96 3.45
CA GLN C 41 -2.59 -5.56 3.55
C GLN C 41 -2.55 -4.85 2.18
N ILE C 42 -1.47 -5.02 1.39
CA ILE C 42 -1.37 -4.39 0.03
C ILE C 42 -2.49 -4.92 -0.83
N GLN C 43 -2.71 -6.22 -0.72
CA GLN C 43 -3.75 -6.90 -1.45
C GLN C 43 -5.13 -6.43 -0.99
N LYS C 44 -5.30 -6.30 0.32
CA LYS C 44 -6.55 -5.82 0.89
C LYS C 44 -6.81 -4.35 0.56
N TRP C 45 -5.78 -3.51 0.71
CA TRP C 45 -5.93 -2.09 0.43
C TRP C 45 -6.34 -1.93 -0.99
N LEU C 46 -5.85 -2.82 -1.83
CA LEU C 46 -6.20 -2.84 -3.24
C LEU C 46 -7.68 -3.05 -3.41
N GLN C 47 -8.22 -3.88 -2.52
CA GLN C 47 -9.65 -4.18 -2.50
C GLN C 47 -10.42 -2.92 -2.13
N CYS C 48 -9.67 -1.87 -1.80
CA CYS C 48 -10.29 -0.59 -1.43
C CYS C 48 -9.40 0.63 -1.74
N GLU C 49 -8.38 0.46 -2.62
CA GLU C 49 -7.47 1.56 -2.97
C GLU C 49 -8.23 2.77 -3.48
N SER C 50 -9.25 2.49 -4.27
CA SER C 50 -10.12 3.55 -4.78
C SER C 50 -10.73 4.33 -3.61
N ASN C 51 -11.05 3.60 -2.55
CA ASN C 51 -11.60 4.19 -1.34
C ASN C 51 -10.51 4.95 -0.58
N LEU C 52 -9.27 4.47 -0.70
CA LEU C 52 -8.13 5.10 -0.06
C LEU C 52 -7.94 6.51 -0.61
N ARG C 53 -8.13 6.61 -1.92
CA ARG C 53 -8.00 7.88 -2.65
C ARG C 53 -8.97 8.92 -2.13
N SER C 54 -10.23 8.55 -1.99
CA SER C 54 -11.23 9.48 -1.47
C SER C 54 -11.04 9.72 0.03
N SER C 55 -10.42 8.74 0.70
CA SER C 55 -10.16 8.83 2.14
C SER C 55 -9.05 9.84 2.45
N VAL C 56 -8.10 9.96 1.55
CA VAL C 56 -6.97 10.88 1.73
C VAL C 56 -7.38 12.31 1.34
N ALA C 57 -8.56 12.42 0.71
CA ALA C 57 -9.12 13.70 0.26
C ALA C 57 -8.26 14.36 -0.83
N ASN C 58 -8.40 15.68 -0.99
CA ASN C 58 -7.65 16.41 -1.99
C ASN C 58 -7.42 17.85 -1.52
N ASN C 59 -6.16 18.16 -1.19
CA ASN C 59 -5.76 19.49 -0.72
C ASN C 59 -6.46 19.82 0.61
N GLY C 1 0.10 -5.75 22.90
CA GLY C 1 0.92 -6.24 21.83
C GLY C 1 1.20 -5.14 20.84
N SER C 2 0.90 -5.39 19.55
CA SER C 2 1.13 -4.38 18.51
C SER C 2 0.30 -4.57 17.18
N ARG C 3 -0.23 -3.44 16.67
CA ARG C 3 -0.95 -3.28 15.36
C ARG C 3 -0.77 -1.82 15.06
N ARG C 4 0.20 -1.49 14.23
CA ARG C 4 0.42 -0.10 13.92
C ARG C 4 -0.64 0.38 12.99
N ILE C 5 -0.85 1.67 13.01
CA ILE C 5 -1.90 2.26 12.22
C ILE C 5 -1.40 2.77 10.88
N PHE C 6 -2.08 2.32 9.86
CA PHE C 6 -1.77 2.66 8.48
C PHE C 6 -2.65 3.80 8.00
N THR C 7 -2.01 4.77 7.43
CA THR C 7 -2.68 5.92 6.82
C THR C 7 -2.96 5.66 5.35
N PRO C 8 -3.98 6.31 4.76
CA PRO C 8 -4.27 6.15 3.34
C PRO C 8 -3.10 6.59 2.48
N HIS C 9 -2.39 7.64 2.88
CA HIS C 9 -1.23 8.12 2.12
C HIS C 9 -0.18 7.02 2.09
N PHE C 10 0.00 6.32 3.22
CA PHE C 10 0.95 5.20 3.30
C PHE C 10 0.46 4.08 2.41
N LYS C 11 -0.82 3.79 2.52
CA LYS C 11 -1.43 2.75 1.71
C LYS C 11 -1.18 3.02 0.25
N LEU C 12 -1.45 4.27 -0.14
CA LEU C 12 -1.23 4.76 -1.48
C LEU C 12 0.24 4.88 -1.77
N GLN C 13 1.05 4.96 -0.72
CA GLN C 13 2.48 5.06 -0.89
C GLN C 13 2.99 3.69 -1.27
N VAL C 14 2.36 2.69 -0.65
CA VAL C 14 2.65 1.30 -0.91
C VAL C 14 2.24 0.98 -2.30
N LEU C 15 0.98 1.29 -2.57
CA LEU C 15 0.36 1.07 -3.85
C LEU C 15 1.09 1.81 -4.98
N GLU C 16 1.45 3.08 -4.72
CA GLU C 16 2.17 3.91 -5.70
C GLU C 16 3.55 3.29 -5.99
N SER C 17 4.31 2.99 -4.93
CA SER C 17 5.60 2.28 -5.06
C SER C 17 5.43 0.97 -5.79
N TYR C 18 4.46 0.23 -5.31
CA TYR C 18 4.07 -1.04 -5.89
C TYR C 18 3.86 -0.91 -7.39
N ARG C 19 3.27 0.18 -7.79
CA ARG C 19 2.94 0.43 -9.19
C ARG C 19 4.05 1.14 -10.03
N ASN C 20 5.13 1.65 -9.40
CA ASN C 20 6.11 2.42 -10.16
C ASN C 20 7.55 2.22 -9.72
N ASP C 21 7.74 1.79 -8.48
CA ASP C 21 9.09 1.56 -7.98
C ASP C 21 9.77 0.46 -8.76
N ASN C 22 10.89 0.77 -9.37
CA ASN C 22 11.62 -0.22 -10.14
C ASN C 22 11.95 -1.44 -9.27
N ASP C 23 11.85 -1.27 -7.94
CA ASP C 23 12.18 -2.34 -7.00
C ASP C 23 11.00 -3.27 -6.70
N CYS C 24 9.74 -2.80 -6.85
CA CYS C 24 8.60 -3.66 -6.55
C CYS C 24 7.52 -3.62 -7.60
N LYS C 25 7.50 -2.55 -8.39
CA LYS C 25 6.53 -2.36 -9.48
C LYS C 25 6.16 -3.68 -10.19
N GLY C 26 4.90 -4.04 -10.07
CA GLY C 26 4.40 -5.27 -10.67
C GLY C 26 4.38 -6.46 -9.72
N ASN C 27 4.96 -6.27 -8.53
CA ASN C 27 5.05 -7.32 -7.52
C ASN C 27 4.53 -6.89 -6.16
N GLN C 28 3.76 -7.73 -5.51
CA GLN C 28 3.24 -7.40 -4.19
C GLN C 28 4.17 -7.82 -3.04
N ARG C 29 4.84 -8.99 -3.14
CA ARG C 29 5.73 -9.47 -2.08
C ARG C 29 6.89 -8.46 -1.86
N ALA C 30 7.51 -8.02 -2.97
CA ALA C 30 8.63 -7.06 -2.91
C ALA C 30 8.25 -5.75 -2.25
N THR C 31 7.07 -5.21 -2.57
CA THR C 31 6.63 -3.95 -1.96
C THR C 31 6.45 -4.10 -0.46
N ALA C 32 5.84 -5.22 -0.06
CA ALA C 32 5.61 -5.52 1.34
C ALA C 32 6.94 -5.69 2.05
N ARG C 33 7.92 -6.24 1.35
CA ARG C 33 9.26 -6.44 1.90
C ARG C 33 9.98 -5.10 2.12
N LYS C 34 9.96 -4.27 1.07
CA LYS C 34 10.57 -2.94 1.09
C LYS C 34 9.95 -2.04 2.17
N TYR C 35 8.62 -2.10 2.26
CA TYR C 35 7.87 -1.30 3.20
C TYR C 35 7.60 -2.02 4.50
N ASN C 36 8.08 -3.26 4.55
CA ASN C 36 7.94 -4.13 5.74
C ASN C 36 6.50 -4.18 6.23
N ILE C 37 5.63 -4.74 5.40
CA ILE C 37 4.23 -4.88 5.70
C ILE C 37 3.73 -6.20 5.14
N HIS C 38 2.45 -6.47 5.29
CA HIS C 38 1.88 -7.69 4.75
C HIS C 38 1.47 -7.51 3.31
N ARG C 39 1.50 -8.61 2.56
CA ARG C 39 1.12 -8.59 1.16
C ARG C 39 -0.40 -8.78 0.97
N ARG C 40 -1.16 -9.03 2.08
CA ARG C 40 -2.64 -9.12 1.99
C ARG C 40 -3.21 -7.70 1.96
N GLN C 41 -2.59 -6.79 2.75
CA GLN C 41 -3.02 -5.41 2.83
C GLN C 41 -2.87 -4.66 1.48
N ILE C 42 -1.77 -4.89 0.71
CA ILE C 42 -1.58 -4.26 -0.62
C ILE C 42 -2.66 -4.76 -1.55
N GLN C 43 -2.93 -6.04 -1.45
CA GLN C 43 -3.96 -6.69 -2.23
C GLN C 43 -5.35 -6.21 -1.84
N LYS C 44 -5.58 -6.08 -0.54
CA LYS C 44 -6.85 -5.57 -0.03
C LYS C 44 -7.05 -4.08 -0.36
N TRP C 45 -6.01 -3.26 -0.14
CA TRP C 45 -6.12 -1.84 -0.41
C TRP C 45 -6.44 -1.66 -1.86
N LEU C 46 -5.91 -2.56 -2.67
CA LEU C 46 -6.17 -2.54 -4.10
C LEU C 46 -7.65 -2.71 -4.36
N GLN C 47 -8.27 -3.56 -3.54
CA GLN C 47 -9.68 -3.83 -3.60
C GLN C 47 -10.46 -2.56 -3.24
N CYS C 48 -9.71 -1.53 -2.86
CA CYS C 48 -10.33 -0.24 -2.49
C CYS C 48 -9.39 0.96 -2.70
N GLU C 49 -8.34 0.80 -3.52
CA GLU C 49 -7.37 1.89 -3.78
C GLU C 49 -8.06 3.13 -4.30
N SER C 50 -9.04 2.92 -5.14
CA SER C 50 -9.87 4.01 -5.68
C SER C 50 -10.52 4.77 -4.52
N ASN C 51 -10.94 4.01 -3.50
CA ASN C 51 -11.55 4.58 -2.30
C ASN C 51 -10.49 5.28 -1.46
N LEU C 52 -9.24 4.76 -1.53
CA LEU C 52 -8.12 5.34 -0.78
C LEU C 52 -7.86 6.75 -1.27
N ARG C 53 -7.98 6.91 -2.59
CA ARG C 53 -7.76 8.18 -3.27
C ARG C 53 -8.72 9.25 -2.78
N SER C 54 -10.01 8.91 -2.73
CA SER C 54 -11.02 9.84 -2.24
C SER C 54 -10.92 10.02 -0.72
N SER C 55 -10.38 9.01 -0.04
CA SER C 55 -10.23 9.03 1.41
C SER C 55 -9.14 10.01 1.85
N VAL C 56 -8.06 10.06 1.06
CA VAL C 56 -6.95 10.96 1.36
C VAL C 56 -7.23 12.37 0.87
N ALA C 57 -7.91 12.45 -0.29
CA ALA C 57 -8.27 13.72 -0.93
C ALA C 57 -7.08 14.66 -1.09
N ASN C 58 -5.87 14.09 -1.20
CA ASN C 58 -4.66 14.87 -1.36
C ASN C 58 -3.60 14.04 -2.09
N ASN C 59 -3.46 12.78 -1.68
CA ASN C 59 -2.49 11.86 -2.28
C ASN C 59 -1.06 12.34 -2.01
N GLY C 1 0.91 -4.72 23.47
CA GLY C 1 -0.02 -4.57 22.40
C GLY C 1 0.67 -4.10 21.15
N SER C 2 0.20 -4.58 19.98
CA SER C 2 0.82 -4.20 18.70
C SER C 2 -0.05 -4.39 17.41
N ARG C 3 -0.49 -3.26 16.84
CA ARG C 3 -1.20 -3.12 15.52
C ARG C 3 -1.00 -1.68 15.18
N ARG C 4 0.01 -1.39 14.38
CA ARG C 4 0.26 -0.02 14.05
C ARG C 4 -0.79 0.48 13.10
N ILE C 5 -0.98 1.78 13.13
CA ILE C 5 -2.02 2.38 12.34
C ILE C 5 -1.49 2.88 11.00
N PHE C 6 -2.11 2.36 9.97
CA PHE C 6 -1.79 2.69 8.61
C PHE C 6 -2.65 3.81 8.09
N THR C 7 -1.99 4.77 7.50
CA THR C 7 -2.66 5.91 6.89
C THR C 7 -2.96 5.63 5.42
N PRO C 8 -3.99 6.28 4.84
CA PRO C 8 -4.31 6.11 3.42
C PRO C 8 -3.15 6.54 2.53
N HIS C 9 -2.46 7.62 2.92
CA HIS C 9 -1.31 8.10 2.15
C HIS C 9 -0.23 7.03 2.12
N PHE C 10 -0.04 6.33 3.27
CA PHE C 10 0.92 5.24 3.34
C PHE C 10 0.45 4.11 2.47
N LYS C 11 -0.84 3.79 2.61
CA LYS C 11 -1.44 2.73 1.80
C LYS C 11 -1.21 3.00 0.33
N LEU C 12 -1.51 4.23 -0.05
CA LEU C 12 -1.32 4.71 -1.41
C LEU C 12 0.16 4.84 -1.72
N GLN C 13 0.97 4.95 -0.68
CA GLN C 13 2.41 5.06 -0.87
C GLN C 13 2.94 3.69 -1.24
N VAL C 14 2.33 2.70 -0.60
CA VAL C 14 2.64 1.31 -0.85
C VAL C 14 2.21 0.97 -2.24
N LEU C 15 0.95 1.25 -2.49
CA LEU C 15 0.30 1.02 -3.75
C LEU C 15 1.00 1.75 -4.89
N GLU C 16 1.35 3.02 -4.66
CA GLU C 16 2.04 3.84 -5.66
C GLU C 16 3.42 3.25 -5.98
N SER C 17 4.21 2.97 -4.93
CA SER C 17 5.50 2.29 -5.08
C SER C 17 5.34 0.97 -5.78
N TYR C 18 4.39 0.22 -5.28
CA TYR C 18 4.00 -1.06 -5.83
C TYR C 18 3.75 -0.95 -7.34
N ARG C 19 3.15 0.13 -7.73
CA ARG C 19 2.82 0.36 -9.14
C ARG C 19 3.88 1.08 -9.99
N ASN C 20 4.97 1.59 -9.39
CA ASN C 20 5.93 2.38 -10.18
C ASN C 20 7.38 2.19 -9.76
N ASP C 21 7.61 1.79 -8.52
CA ASP C 21 8.96 1.59 -8.02
C ASP C 21 9.66 0.49 -8.80
N ASN C 22 10.76 0.81 -9.44
CA ASN C 22 11.49 -0.19 -10.20
C ASN C 22 11.86 -1.38 -9.31
N ASP C 23 11.77 -1.20 -7.98
CA ASP C 23 12.12 -2.26 -7.04
C ASP C 23 10.95 -3.20 -6.71
N CYS C 24 9.69 -2.76 -6.84
CA CYS C 24 8.55 -3.64 -6.50
C CYS C 24 7.46 -3.63 -7.56
N LYS C 25 7.40 -2.56 -8.34
CA LYS C 25 6.41 -2.41 -9.42
C LYS C 25 6.05 -3.73 -10.09
N GLY C 26 4.78 -4.09 -9.96
CA GLY C 26 4.28 -5.33 -10.55
C GLY C 26 4.32 -6.50 -9.57
N ASN C 27 4.88 -6.30 -8.39
CA ASN C 27 5.01 -7.35 -7.37
C ASN C 27 4.47 -6.92 -6.02
N GLN C 28 3.71 -7.78 -5.36
CA GLN C 28 3.19 -7.46 -4.05
C GLN C 28 4.12 -7.88 -2.90
N ARG C 29 4.77 -9.06 -2.98
CA ARG C 29 5.66 -9.52 -1.91
C ARG C 29 6.81 -8.52 -1.71
N ALA C 30 7.42 -8.08 -2.82
CA ALA C 30 8.55 -7.13 -2.78
C ALA C 30 8.18 -5.80 -2.13
N THR C 31 7.01 -5.23 -2.48
CA THR C 31 6.60 -3.95 -1.90
C THR C 31 6.41 -4.08 -0.40
N ALA C 32 5.80 -5.18 0.01
CA ALA C 32 5.57 -5.45 1.42
C ALA C 32 6.89 -5.62 2.14
N ARG C 33 7.87 -6.21 1.46
CA ARG C 33 9.20 -6.41 2.02
C ARG C 33 9.94 -5.07 2.19
N LYS C 34 9.90 -4.26 1.12
CA LYS C 34 10.54 -2.95 1.09
C LYS C 34 9.94 -2.00 2.15
N TYR C 35 8.62 -2.06 2.28
CA TYR C 35 7.89 -1.21 3.20
C TYR C 35 7.69 -1.90 4.55
N ASN C 36 8.16 -3.14 4.63
CA ASN C 36 8.05 -3.95 5.85
C ASN C 36 6.62 -4.03 6.36
N ILE C 37 5.76 -4.64 5.55
CA ILE C 37 4.37 -4.83 5.87
C ILE C 37 3.91 -6.16 5.30
N HIS C 38 2.64 -6.47 5.48
CA HIS C 38 2.11 -7.72 4.95
C HIS C 38 1.64 -7.54 3.51
N ARG C 39 1.75 -8.62 2.74
CA ARG C 39 1.35 -8.59 1.36
C ARG C 39 -0.17 -8.83 1.19
N ARG C 40 -0.91 -9.06 2.32
CA ARG C 40 -2.38 -9.19 2.24
C ARG C 40 -2.97 -7.78 2.21
N GLN C 41 -2.37 -6.85 2.99
CA GLN C 41 -2.82 -5.47 3.06
C GLN C 41 -2.71 -4.73 1.71
N ILE C 42 -1.61 -4.93 0.92
CA ILE C 42 -1.45 -4.30 -0.42
C ILE C 42 -2.54 -4.81 -1.33
N GLN C 43 -2.79 -6.10 -1.22
CA GLN C 43 -3.81 -6.77 -1.98
C GLN C 43 -5.21 -6.29 -1.56
N LYS C 44 -5.41 -6.18 -0.26
CA LYS C 44 -6.68 -5.68 0.28
C LYS C 44 -6.92 -4.21 -0.06
N TRP C 45 -5.89 -3.37 0.10
CA TRP C 45 -6.05 -1.95 -0.19
C TRP C 45 -6.38 -1.79 -1.63
N LEU C 46 -5.91 -2.73 -2.43
CA LEU C 46 -6.20 -2.74 -3.85
C LEU C 46 -7.68 -2.95 -4.08
N GLN C 47 -8.26 -3.78 -3.22
CA GLN C 47 -9.68 -4.08 -3.25
C GLN C 47 -10.47 -2.83 -2.89
N CYS C 48 -9.74 -1.77 -2.51
CA CYS C 48 -10.38 -0.51 -2.17
C CYS C 48 -9.47 0.71 -2.41
N GLU C 49 -8.45 0.57 -3.25
CA GLU C 49 -7.50 1.67 -3.53
C GLU C 49 -8.23 2.90 -4.05
N SER C 50 -9.23 2.65 -4.88
CA SER C 50 -10.07 3.73 -5.41
C SER C 50 -10.71 4.49 -4.25
N ASN C 51 -11.07 3.74 -3.21
CA ASN C 51 -11.66 4.31 -1.99
C ASN C 51 -10.59 5.04 -1.18
N LEU C 52 -9.34 4.57 -1.29
CA LEU C 52 -8.20 5.18 -0.60
C LEU C 52 -8.01 6.60 -1.11
N ARG C 53 -8.18 6.74 -2.41
CA ARG C 53 -8.03 8.01 -3.12
C ARG C 53 -9.00 9.04 -2.61
N SER C 54 -10.29 8.66 -2.52
CA SER C 54 -11.30 9.58 -2.02
C SER C 54 -11.19 9.75 -0.50
N SER C 55 -10.65 8.73 0.17
CA SER C 55 -10.48 8.74 1.62
C SER C 55 -9.38 9.72 2.04
N VAL C 56 -8.35 9.86 1.19
CA VAL C 56 -7.24 10.75 1.48
C VAL C 56 -7.57 12.17 1.06
N ALA C 57 -8.49 12.30 0.10
CA ALA C 57 -8.94 13.59 -0.45
C ALA C 57 -7.79 14.59 -0.63
N ASN C 58 -7.85 15.70 0.09
CA ASN C 58 -6.83 16.74 0.01
C ASN C 58 -6.75 17.51 1.32
N ASN C 59 -7.91 17.98 1.80
CA ASN C 59 -7.99 18.73 3.05
C ASN C 59 -7.18 20.03 2.96
N GLY C 1 1.55 -0.93 19.02
CA GLY C 1 2.69 -1.77 19.16
C GLY C 1 2.45 -3.13 18.52
N SER C 2 1.51 -3.89 19.12
CA SER C 2 1.19 -5.24 18.61
C SER C 2 0.28 -5.25 17.33
N ARG C 3 -0.25 -4.07 16.95
CA ARG C 3 -1.07 -3.80 15.72
C ARG C 3 -0.87 -2.34 15.49
N ARG C 4 0.06 -1.99 14.62
CA ARG C 4 0.29 -0.59 14.35
C ARG C 4 -0.81 -0.06 13.46
N ILE C 5 -1.02 1.24 13.53
CA ILE C 5 -2.09 1.85 12.76
C ILE C 5 -1.58 2.42 11.45
N PHE C 6 -2.16 1.92 10.38
CA PHE C 6 -1.82 2.34 9.03
C PHE C 6 -2.66 3.51 8.57
N THR C 7 -1.99 4.48 8.00
CA THR C 7 -2.65 5.64 7.44
C THR C 7 -2.94 5.41 5.97
N PRO C 8 -3.96 6.08 5.40
CA PRO C 8 -4.25 5.95 3.98
C PRO C 8 -3.08 6.41 3.13
N HIS C 9 -2.40 7.47 3.54
CA HIS C 9 -1.25 7.99 2.78
C HIS C 9 -0.18 6.90 2.72
N PHE C 10 0.01 6.19 3.83
CA PHE C 10 0.98 5.08 3.88
C PHE C 10 0.51 3.97 2.97
N LYS C 11 -0.75 3.62 3.09
CA LYS C 11 -1.34 2.59 2.26
C LYS C 11 -1.11 2.91 0.81
N LEU C 12 -1.42 4.14 0.47
CA LEU C 12 -1.23 4.65 -0.87
C LEU C 12 0.23 4.79 -1.17
N GLN C 13 1.04 4.89 -0.12
CA GLN C 13 2.46 4.99 -0.31
C GLN C 13 2.99 3.62 -0.70
N VAL C 14 2.40 2.60 -0.10
CA VAL C 14 2.73 1.24 -0.38
C VAL C 14 2.29 0.93 -1.79
N LEU C 15 1.03 1.23 -2.03
CA LEU C 15 0.41 1.02 -3.31
C LEU C 15 1.13 1.80 -4.40
N GLU C 16 1.44 3.07 -4.14
CA GLU C 16 2.15 3.91 -5.11
C GLU C 16 3.54 3.32 -5.42
N SER C 17 4.31 3.04 -4.35
CA SER C 17 5.60 2.35 -4.50
C SER C 17 5.46 1.05 -5.24
N TYR C 18 4.55 0.27 -4.75
CA TYR C 18 4.20 -1.00 -5.34
C TYR C 18 3.97 -0.86 -6.85
N ARG C 19 3.37 0.22 -7.23
CA ARG C 19 3.05 0.46 -8.62
C ARG C 19 4.12 1.19 -9.46
N ASN C 20 5.15 1.75 -8.83
CA ASN C 20 6.12 2.54 -9.60
C ASN C 20 7.56 2.34 -9.16
N ASP C 21 7.76 1.89 -7.93
CA ASP C 21 9.10 1.65 -7.41
C ASP C 21 9.80 0.59 -8.22
N ASN C 22 10.90 0.94 -8.86
CA ASN C 22 11.64 -0.03 -9.64
C ASN C 22 12.01 -1.25 -8.79
N ASP C 23 11.93 -1.10 -7.46
CA ASP C 23 12.29 -2.18 -6.54
C ASP C 23 11.12 -3.13 -6.25
N CYS C 24 9.86 -2.68 -6.42
CA CYS C 24 8.72 -3.57 -6.12
C CYS C 24 7.65 -3.52 -7.19
N LYS C 25 7.60 -2.41 -7.94
CA LYS C 25 6.61 -2.24 -9.03
C LYS C 25 6.28 -3.53 -9.77
N GLY C 26 5.03 -3.95 -9.61
CA GLY C 26 4.54 -5.17 -10.24
C GLY C 26 4.56 -6.37 -9.31
N ASN C 27 5.11 -6.20 -8.11
CA ASN C 27 5.23 -7.26 -7.11
C ASN C 27 4.70 -6.84 -5.75
N GLN C 28 3.92 -7.71 -5.14
CA GLN C 28 3.40 -7.41 -3.82
C GLN C 28 4.31 -7.87 -2.67
N ARG C 29 4.96 -9.03 -2.82
CA ARG C 29 5.86 -9.55 -1.78
C ARG C 29 7.02 -8.57 -1.52
N ALA C 30 7.61 -8.07 -2.62
CA ALA C 30 8.75 -7.14 -2.53
C ALA C 30 8.38 -5.82 -1.85
N THR C 31 7.21 -5.26 -2.19
CA THR C 31 6.80 -4.00 -1.57
C THR C 31 6.61 -4.19 -0.07
N ALA C 32 6.00 -5.30 0.30
CA ALA C 32 5.77 -5.61 1.70
C ALA C 32 7.11 -5.78 2.42
N ARG C 33 8.08 -6.32 1.72
CA ARG C 33 9.42 -6.51 2.28
C ARG C 33 10.13 -5.18 2.50
N LYS C 34 10.06 -4.33 1.49
CA LYS C 34 10.67 -3.00 1.55
C LYS C 34 10.04 -2.13 2.64
N TYR C 35 8.71 -2.16 2.70
CA TYR C 35 7.96 -1.37 3.65
C TYR C 35 7.74 -2.13 4.95
N ASN C 36 8.26 -3.35 4.99
CA ASN C 36 8.16 -4.22 6.16
C ASN C 36 6.71 -4.34 6.65
N ILE C 37 5.87 -4.88 5.79
CA ILE C 37 4.46 -5.07 6.09
C ILE C 37 4.00 -6.38 5.49
N HIS C 38 2.71 -6.69 5.64
CA HIS C 38 2.20 -7.93 5.08
C HIS C 38 1.75 -7.71 3.65
N ARG C 39 1.85 -8.78 2.87
CA ARG C 39 1.46 -8.75 1.48
C ARG C 39 -0.06 -8.93 1.31
N ARG C 40 -0.79 -9.29 2.40
CA ARG C 40 -2.27 -9.40 2.33
C ARG C 40 -2.86 -7.98 2.37
N GLN C 41 -2.21 -7.07 3.12
CA GLN C 41 -2.67 -5.68 3.25
C GLN C 41 -2.58 -4.90 1.92
N ILE C 42 -1.50 -5.07 1.15
CA ILE C 42 -1.34 -4.42 -0.17
C ILE C 42 -2.44 -4.89 -1.08
N GLN C 43 -2.67 -6.19 -1.03
CA GLN C 43 -3.70 -6.84 -1.79
C GLN C 43 -5.08 -6.38 -1.35
N LYS C 44 -5.28 -6.29 -0.04
CA LYS C 44 -6.54 -5.82 0.50
C LYS C 44 -6.81 -4.35 0.20
N TRP C 45 -5.79 -3.51 0.37
CA TRP C 45 -5.95 -2.09 0.09
C TRP C 45 -6.28 -1.93 -1.36
N LEU C 46 -5.78 -2.84 -2.17
CA LEU C 46 -6.06 -2.83 -3.59
C LEU C 46 -7.53 -3.07 -3.82
N GLN C 47 -8.11 -3.92 -2.98
CA GLN C 47 -9.51 -4.23 -3.03
C GLN C 47 -10.31 -2.96 -2.68
N CYS C 48 -9.58 -1.91 -2.30
CA CYS C 48 -10.23 -0.64 -1.97
C CYS C 48 -9.32 0.59 -2.17
N GLU C 49 -8.29 0.47 -3.02
CA GLU C 49 -7.35 1.59 -3.27
C GLU C 49 -8.07 2.81 -3.76
N SER C 50 -9.06 2.57 -4.61
CA SER C 50 -9.89 3.65 -5.12
C SER C 50 -10.53 4.39 -3.95
N ASN C 51 -10.90 3.63 -2.92
CA ASN C 51 -11.50 4.17 -1.70
C ASN C 51 -10.44 4.89 -0.89
N LEU C 52 -9.19 4.42 -0.98
CA LEU C 52 -8.09 5.04 -0.26
C LEU C 52 -7.86 6.45 -0.76
N ARG C 53 -8.02 6.60 -2.08
CA ARG C 53 -7.84 7.88 -2.75
C ARG C 53 -8.83 8.93 -2.22
N SER C 54 -10.11 8.56 -2.15
CA SER C 54 -11.11 9.48 -1.64
C SER C 54 -10.97 9.67 -0.13
N SER C 55 -10.32 8.70 0.53
CA SER C 55 -10.11 8.75 1.98
C SER C 55 -9.05 9.78 2.36
N VAL C 56 -8.17 10.10 1.41
CA VAL C 56 -7.11 11.08 1.67
C VAL C 56 -7.63 12.50 1.47
N ALA C 57 -8.94 12.61 1.18
CA ALA C 57 -9.62 13.89 0.96
C ALA C 57 -9.28 14.48 -0.41
N ASN C 58 -10.26 14.53 -1.30
CA ASN C 58 -10.06 15.09 -2.64
C ASN C 58 -11.36 15.69 -3.16
N ASN C 59 -11.34 17.00 -3.42
CA ASN C 59 -12.50 17.72 -3.93
C ASN C 59 -13.65 17.69 -2.91
#